data_6R94
#
_entry.id   6R94
#
_cell.length_a   1.0
_cell.length_b   1.0
_cell.length_c   1.0
_cell.angle_alpha   90.00
_cell.angle_beta   90.00
_cell.angle_gamma   90.00
#
_symmetry.space_group_name_H-M   'P 1'
#
loop_
_entity.id
_entity.type
_entity.pdbx_description
1 polymer 'Human alpha-satellite DNA (145-MER)'
2 polymer 'Human alpha-satellite DNA (145-MER) with abasic sites at positions 97-98'
3 polymer 'Histone H3.1'
4 polymer 'Histone H4'
5 polymer 'Histone H2A type 1-B/E'
6 polymer 'Histone H2B type 1-J'
#
loop_
_entity_poly.entity_id
_entity_poly.type
_entity_poly.pdbx_seq_one_letter_code
_entity_poly.pdbx_strand_id
1 'polydeoxyribonucleotide'
;(DA)(DT)(DC)(DA)(DA)(DT)(DA)(DT)(DC)(DC)(DA)(DC)(DC)(DT)(DG)(DC)(DA)(DG)(DA)(DT)
(DT)(DC)(DT)(DA)(DC)(DC)(DA)(DA)(DA)(DA)(DG)(DT)(DG)(DT)(DA)(DT)(DT)(DT)(DG)(DG)
(DA)(DA)(DA)(DC)(DT)(DG)(DC)(DT)(DC)(DC)(DA)(DT)(DC)(DA)(DA)(DA)(DA)(DG)(DG)(DC)
(DA)(DT)(DG)(DT)(DT)(DC)(DA)(DG)(DC)(DT)(DG)(DG)(DT)(DT)(DC)(DA)(DG)(DC)(DT)(DG)
(DA)(DA)(DC)(DA)(DT)(DG)(DC)(DC)(DT)(DT)(DT)(DT)(DG)(DA)(DT)(DG)(DG)(DA)(DG)(DC)
(DA)(DG)(DT)(DT)(DT)(DC)(DC)(DA)(DA)(DA)(DT)(DA)(DC)(DA)(DC)(DT)(DT)(DT)(DT)(DG)
(DG)(DT)(DA)(DG)(DA)(DA)(DT)(DC)(DT)(DG)(DC)(DA)(DG)(DG)(DT)(DG)(DG)(DA)(DT)(DA)
(DT)(DT)(DG)(DA)(DT)
;
I
2 'polydeoxyribonucleotide'
;(DA)(DT)(DC)(DA)(DA)(DT)(DA)(DT)(DC)(DC)(DA)(DC)(DC)(DT)(DG)(DC)(DA)(DG)(DA)(DT)
(DT)(DC)(DT)(DA)(DC)(DC)(DA)(DA)(DA)(DA)(DG)(DT)(DG)(DT)(DA)(DT)(DT)(DT)(DG)(DG)
(DA)(DA)(DA)(DC)(DT)(DG)(DC)(DT)(DC)(DC)(DA)(DT)(DC)(DA)(DA)(DA)(DA)(DG)(DG)(DC)
(DA)(DT)(DG)(DT)(DT)(DC)(DA)(DG)(DC)(DT)(DG)(DA)(DA)(DC)(DC)(DA)(DG)(DC)(DT)(DG)
(DA)(DA)(DC)(DA)(DT)(DG)(DC)(DC)(DT)(DT)(DT)(DT)(DG)(DA)(DT)(DG)(3DR)(3DR)(DG)
(DC)(DA)(DG)(DT)(DT)(DT)(DC)(DC)(DA)(DA)(DA)(DT)(DA)(DC)(DA)(DC)(DT)(DT)(DT)(DT)
(DG)(DG)(DT)(DA)(DG)(DA)(DA)(DT)(DC)(DT)(DG)(DC)(DA)(DG)(DG)(DT)(DG)(DG)(DA)(DT)
(DA)(DT)(DT)(DG)(DA)(DT)
;
J
3 'polypeptide(L)'
;GSHMARTKQTARKSTGGKAPRKQLATKAARKSAPATGGVKKPHRYRPGTVALREIRRYQKSTELLIRKLPFQRLVREIAQ
DFKTDLRFQSSAVMALQEACEAYLVGLFEDTNLCAIHAKRVTIMPKDIQLARRIRGERA
;
A,E
4 'polypeptide(L)'
;GSHMSGRGKGGKGLGKGGAKRHRKVLRDNIQGITKPAIRRLARRGGVKRISGLIYEETRGVLKVFLENVIRDAVTYTEHA
KRKTVTAMDVVYALKRQGRTLYGFGG
;
B,F
5 'polypeptide(L)'
;GSHMSGRGKQGGKARAKAKTRSSRAGLQFPVGRVHRLLRKGNYSERVGAGAPVYLAAVLEYLTAEILELAGNAARDNKKT
RIIPRHLQLAIRNDEELNKLLGRVTIAQGGVLPNIQAVLLPKKTESHHKAKGK
;
C,G
6 'polypeptide(L)'
;GSHMPEPAKSAPAPKKGSKKAVTKAQKKDGKKRKRSRKESYSIYVYKVLKQVHPDTGISSKAMGIMNSFVNDIFERIAGE
ASRLAHYNKRSTITSREIQTAVRLLLPGELAKHAVSEGTKAVTKYTSAK
;
D,H
#
# COMPACT_ATOMS: atom_id res chain seq x y z
N VAL C 39 -34.20 16.60 -46.99
CA VAL C 39 -32.90 16.98 -47.52
C VAL C 39 -32.30 15.80 -48.28
N LYS C 40 -31.43 16.11 -49.24
CA LYS C 40 -30.95 15.09 -50.18
C LYS C 40 -29.99 14.12 -49.50
N LYS C 41 -29.16 14.62 -48.58
CA LYS C 41 -28.13 13.86 -47.90
C LYS C 41 -28.40 13.87 -46.40
N PRO C 42 -28.50 12.70 -45.73
CA PRO C 42 -28.76 12.72 -44.28
C PRO C 42 -27.60 13.38 -43.54
N HIS C 43 -27.96 14.09 -42.47
CA HIS C 43 -27.00 14.80 -41.65
C HIS C 43 -26.10 13.84 -40.89
N ARG C 44 -24.82 14.19 -40.78
CA ARG C 44 -23.81 13.36 -40.12
C ARG C 44 -22.79 14.24 -39.43
N TYR C 45 -22.59 14.01 -38.13
CA TYR C 45 -21.59 14.74 -37.38
C TYR C 45 -20.20 14.19 -37.70
N ARG C 46 -19.21 15.07 -37.70
CA ARG C 46 -17.87 14.60 -38.00
C ARG C 46 -17.28 13.78 -36.86
N PRO C 47 -16.34 12.88 -37.15
CA PRO C 47 -15.71 12.08 -36.09
C PRO C 47 -15.00 12.96 -35.08
N GLY C 48 -15.34 12.78 -33.81
CA GLY C 48 -14.80 13.56 -32.73
C GLY C 48 -15.79 14.48 -32.01
N THR C 49 -17.08 14.26 -32.18
CA THR C 49 -18.16 15.04 -31.59
C THR C 49 -19.07 14.19 -30.73
N VAL C 50 -19.45 13.02 -31.24
CA VAL C 50 -20.33 12.12 -30.52
C VAL C 50 -19.55 11.49 -29.39
N ALA C 51 -18.27 11.21 -29.61
CA ALA C 51 -17.42 10.69 -28.54
C ALA C 51 -17.41 11.65 -27.36
N LEU C 52 -17.21 12.94 -27.63
CA LEU C 52 -17.25 13.95 -26.58
C LEU C 52 -18.62 14.02 -25.92
N ARG C 53 -19.70 13.89 -26.69
CA ARG C 53 -21.02 13.89 -26.06
C ARG C 53 -21.17 12.71 -25.13
N GLU C 54 -20.62 11.56 -25.52
CA GLU C 54 -20.69 10.36 -24.70
C GLU C 54 -19.85 10.52 -23.44
N ILE C 55 -18.69 11.17 -23.57
CA ILE C 55 -17.86 11.42 -22.39
C ILE C 55 -18.62 12.26 -21.39
N ARG C 56 -19.18 13.39 -21.84
CA ARG C 56 -19.92 14.25 -20.92
C ARG C 56 -21.09 13.51 -20.28
N ARG C 57 -21.80 12.70 -21.07
CA ARG C 57 -22.93 11.95 -20.53
C ARG C 57 -22.49 10.97 -19.46
N TYR C 58 -21.48 10.14 -19.74
CA TYR C 58 -21.13 9.12 -18.78
C TYR C 58 -20.34 9.68 -17.61
N GLN C 59 -19.68 10.83 -17.76
CA GLN C 59 -19.00 11.44 -16.63
C GLN C 59 -19.98 12.19 -15.76
N LYS C 60 -21.19 12.48 -16.28
CA LYS C 60 -22.19 13.14 -15.47
C LYS C 60 -22.99 12.14 -14.64
N SER C 61 -23.11 10.91 -15.12
CA SER C 61 -23.93 9.89 -14.48
C SER C 61 -23.05 8.90 -13.75
N THR C 62 -23.69 8.05 -12.96
CA THR C 62 -23.01 7.08 -12.13
C THR C 62 -23.46 5.64 -12.30
N GLU C 63 -24.46 5.37 -13.14
CA GLU C 63 -24.97 4.02 -13.31
C GLU C 63 -23.87 3.11 -13.86
N LEU C 64 -23.95 1.82 -13.50
CA LEU C 64 -22.95 0.85 -13.95
C LEU C 64 -23.03 0.58 -15.44
N LEU C 65 -21.86 0.50 -16.05
CA LEU C 65 -21.75 0.39 -17.50
C LEU C 65 -21.56 -1.02 -18.01
N ILE C 66 -21.22 -1.99 -17.15
CA ILE C 66 -21.13 -3.38 -17.56
C ILE C 66 -22.47 -4.04 -17.23
N ARG C 67 -22.87 -4.98 -18.08
CA ARG C 67 -24.10 -5.72 -17.88
C ARG C 67 -24.00 -6.67 -16.69
N LYS C 68 -25.09 -6.74 -15.92
CA LYS C 68 -25.09 -7.51 -14.68
C LYS C 68 -24.96 -9.01 -14.93
N LEU C 69 -25.78 -9.52 -15.84
CA LEU C 69 -25.83 -10.96 -16.13
C LEU C 69 -24.52 -11.58 -16.63
N PRO C 70 -23.87 -11.07 -17.68
CA PRO C 70 -22.61 -11.69 -18.09
C PRO C 70 -21.51 -11.57 -17.06
N PHE C 71 -21.53 -10.50 -16.28
CA PHE C 71 -20.55 -10.35 -15.21
C PHE C 71 -20.75 -11.43 -14.15
N GLN C 72 -22.00 -11.62 -13.74
CA GLN C 72 -22.31 -12.64 -12.75
C GLN C 72 -21.94 -14.03 -13.25
N ARG C 73 -22.18 -14.31 -14.54
CA ARG C 73 -21.83 -15.62 -15.09
C ARG C 73 -20.32 -15.81 -15.11
N LEU C 74 -19.59 -14.78 -15.49
CA LEU C 74 -18.13 -14.86 -15.50
C LEU C 74 -17.59 -15.10 -14.10
N VAL C 75 -18.09 -14.36 -13.12
CA VAL C 75 -17.67 -14.55 -11.74
C VAL C 75 -17.87 -16.00 -11.32
N ARG C 76 -19.04 -16.56 -11.62
CA ARG C 76 -19.32 -17.94 -11.23
C ARG C 76 -18.36 -18.90 -11.94
N GLU C 77 -18.04 -18.61 -13.20
CA GLU C 77 -17.12 -19.46 -13.96
C GLU C 77 -15.73 -19.45 -13.34
N ILE C 78 -15.21 -18.27 -12.99
CA ILE C 78 -13.89 -18.19 -12.38
C ILE C 78 -13.89 -18.89 -11.04
N ALA C 79 -14.90 -18.61 -10.21
CA ALA C 79 -15.00 -19.22 -8.90
C ALA C 79 -15.10 -20.74 -8.96
N GLN C 80 -15.74 -21.28 -10.00
CA GLN C 80 -15.88 -22.73 -10.15
C GLN C 80 -14.54 -23.44 -10.16
N ASP C 81 -13.52 -22.87 -10.79
CA ASP C 81 -12.24 -23.58 -10.81
C ASP C 81 -11.56 -23.64 -9.46
N PHE C 82 -11.96 -22.82 -8.50
CA PHE C 82 -11.42 -22.88 -7.13
C PHE C 82 -12.25 -23.68 -6.17
N LYS C 83 -13.57 -23.45 -6.09
CA LYS C 83 -14.43 -24.23 -5.21
C LYS C 83 -15.76 -24.51 -5.88
N THR C 84 -16.23 -25.74 -5.69
CA THR C 84 -17.45 -26.28 -6.28
C THR C 84 -18.69 -25.90 -5.48
N ASP C 85 -19.84 -25.89 -6.17
CA ASP C 85 -21.15 -25.63 -5.57
C ASP C 85 -21.22 -24.33 -4.79
N LEU C 86 -20.51 -23.31 -5.26
CA LEU C 86 -20.54 -22.01 -4.60
C LEU C 86 -21.81 -21.26 -4.92
N ARG C 87 -22.25 -20.45 -3.96
CA ARG C 87 -23.33 -19.51 -4.15
C ARG C 87 -22.76 -18.10 -4.05
N PHE C 88 -23.54 -17.12 -4.50
CA PHE C 88 -23.10 -15.73 -4.45
C PHE C 88 -24.21 -14.82 -3.99
N GLN C 89 -23.90 -13.89 -3.10
CA GLN C 89 -24.84 -12.85 -2.78
C GLN C 89 -24.86 -11.83 -3.92
N SER C 90 -26.03 -11.25 -4.17
CA SER C 90 -26.16 -10.27 -5.24
C SER C 90 -25.25 -9.05 -4.99
N SER C 91 -25.13 -8.65 -3.72
CA SER C 91 -24.28 -7.52 -3.38
C SER C 91 -22.80 -7.82 -3.58
N ALA C 92 -22.41 -9.09 -3.57
CA ALA C 92 -21.02 -9.41 -3.85
C ALA C 92 -20.70 -9.13 -5.31
N VAL C 93 -21.65 -9.41 -6.19
CA VAL C 93 -21.46 -9.18 -7.61
C VAL C 93 -21.50 -7.69 -7.91
N MET C 94 -22.38 -6.95 -7.23
CA MET C 94 -22.39 -5.51 -7.45
C MET C 94 -21.10 -4.87 -6.94
N ALA C 95 -20.57 -5.37 -5.82
CA ALA C 95 -19.30 -4.85 -5.30
C ALA C 95 -18.15 -5.12 -6.26
N LEU C 96 -18.10 -6.33 -6.80
CA LEU C 96 -17.06 -6.68 -7.74
C LEU C 96 -17.17 -5.83 -8.99
N GLN C 97 -18.40 -5.52 -9.41
CA GLN C 97 -18.58 -4.73 -10.62
C GLN C 97 -18.12 -3.30 -10.40
N GLU C 98 -18.45 -2.71 -9.26
CA GLU C 98 -17.95 -1.37 -8.94
C GLU C 98 -16.43 -1.32 -8.91
N ALA C 99 -15.81 -2.31 -8.25
CA ALA C 99 -14.35 -2.33 -8.19
C ALA C 99 -13.73 -2.49 -9.57
N CYS C 100 -14.26 -3.40 -10.38
CA CYS C 100 -13.72 -3.65 -11.70
C CYS C 100 -13.82 -2.41 -12.58
N GLU C 101 -14.99 -1.76 -12.59
CA GLU C 101 -15.14 -0.60 -13.45
C GLU C 101 -14.27 0.55 -12.99
N ALA C 102 -14.16 0.75 -11.67
CA ALA C 102 -13.28 1.81 -11.18
C ALA C 102 -11.81 1.54 -11.52
N TYR C 103 -11.41 0.27 -11.50
CA TYR C 103 -10.04 -0.11 -11.83
C TYR C 103 -9.76 0.17 -13.29
N LEU C 104 -10.67 -0.26 -14.17
CA LEU C 104 -10.51 -0.04 -15.60
C LEU C 104 -10.52 1.45 -15.93
N VAL C 105 -11.43 2.21 -15.34
CA VAL C 105 -11.46 3.65 -15.57
C VAL C 105 -10.14 4.29 -15.18
N GLY C 106 -9.59 3.94 -14.01
CA GLY C 106 -8.31 4.50 -13.62
C GLY C 106 -7.20 4.14 -14.59
N LEU C 107 -7.23 2.90 -15.07
CA LEU C 107 -6.21 2.47 -16.02
C LEU C 107 -6.37 3.18 -17.35
N PHE C 108 -7.60 3.42 -17.80
CA PHE C 108 -7.79 4.12 -19.06
C PHE C 108 -7.39 5.59 -18.96
N GLU C 109 -7.53 6.20 -17.77
CA GLU C 109 -7.05 7.57 -17.61
C GLU C 109 -5.54 7.61 -17.75
N ASP C 110 -4.85 6.70 -17.08
CA ASP C 110 -3.40 6.66 -17.16
C ASP C 110 -2.94 6.29 -18.58
N THR C 111 -3.62 5.33 -19.18
CA THR C 111 -3.35 4.93 -20.56
C THR C 111 -3.49 6.12 -21.50
N ASN C 112 -4.54 6.92 -21.34
CA ASN C 112 -4.73 8.06 -22.21
C ASN C 112 -3.60 9.07 -22.05
N LEU C 113 -3.12 9.26 -20.83
CA LEU C 113 -1.99 10.17 -20.66
C LEU C 113 -0.74 9.61 -21.32
N CYS C 114 -0.56 8.30 -21.29
CA CYS C 114 0.59 7.70 -21.97
C CYS C 114 0.46 7.84 -23.48
N ALA C 115 -0.75 7.67 -24.01
CA ALA C 115 -0.98 7.82 -25.44
C ALA C 115 -0.71 9.26 -25.89
N ILE C 116 -1.25 10.23 -25.15
CA ILE C 116 -1.06 11.65 -25.45
C ILE C 116 0.40 12.01 -25.38
N HIS C 117 1.13 11.39 -24.46
CA HIS C 117 2.55 11.64 -24.30
C HIS C 117 3.32 11.32 -25.58
N ALA C 118 2.93 10.27 -26.29
CA ALA C 118 3.54 9.87 -27.56
C ALA C 118 3.00 10.66 -28.76
N LYS C 119 2.38 11.81 -28.53
CA LYS C 119 1.81 12.64 -29.60
C LYS C 119 0.73 11.90 -30.40
N ARG C 120 0.01 11.00 -29.73
CA ARG C 120 -1.09 10.26 -30.32
C ARG C 120 -2.37 10.61 -29.57
N VAL C 121 -3.51 10.26 -30.17
CA VAL C 121 -4.80 10.40 -29.52
C VAL C 121 -5.47 9.03 -29.39
N THR C 122 -4.83 7.99 -29.92
CA THR C 122 -5.38 6.65 -29.92
C THR C 122 -4.62 5.78 -28.92
N ILE C 123 -5.35 5.14 -28.02
CA ILE C 123 -4.72 4.25 -27.06
C ILE C 123 -4.51 2.90 -27.72
N MET C 124 -3.39 2.28 -27.39
CA MET C 124 -2.97 1.00 -27.93
C MET C 124 -2.55 0.07 -26.81
N PRO C 125 -2.49 -1.24 -27.05
CA PRO C 125 -2.07 -2.20 -26.02
C PRO C 125 -0.78 -1.86 -25.30
N LYS C 126 0.18 -1.30 -26.03
CA LYS C 126 1.46 -0.92 -25.44
C LYS C 126 1.30 0.15 -24.36
N ASP C 127 0.25 0.98 -24.46
CA ASP C 127 0.01 1.97 -23.41
C ASP C 127 -0.43 1.30 -22.12
N ILE C 128 -1.34 0.32 -22.22
CA ILE C 128 -1.78 -0.42 -21.05
C ILE C 128 -0.62 -1.17 -20.42
N GLN C 129 0.21 -1.80 -21.25
CA GLN C 129 1.33 -2.57 -20.71
C GLN C 129 2.31 -1.67 -19.98
N LEU C 130 2.52 -0.46 -20.50
CA LEU C 130 3.42 0.45 -19.81
C LEU C 130 2.85 0.90 -18.48
N ALA C 131 1.57 1.32 -18.48
CA ALA C 131 0.94 1.76 -17.23
C ALA C 131 0.97 0.68 -16.17
N ARG C 132 0.67 -0.56 -16.56
CA ARG C 132 0.68 -1.64 -15.59
C ARG C 132 2.09 -1.96 -15.12
N ARG C 133 3.08 -1.80 -15.99
CA ARG C 133 4.46 -1.99 -15.55
C ARG C 133 4.86 -0.94 -14.52
N ILE C 134 4.47 0.32 -14.73
CA ILE C 134 4.85 1.35 -13.77
C ILE C 134 4.12 1.18 -12.44
N ARG C 135 2.88 0.70 -12.45
CA ARG C 135 2.24 0.45 -11.17
C ARG C 135 2.86 -0.72 -10.41
N GLY C 136 3.65 -1.56 -11.07
CA GLY C 136 4.20 -2.72 -10.40
C GLY C 136 3.35 -3.96 -10.45
N GLU C 137 2.40 -4.03 -11.37
CA GLU C 137 1.56 -5.20 -11.50
C GLU C 137 2.22 -6.22 -12.41
N ARG C 138 2.06 -7.50 -12.05
CA ARG C 138 2.98 -8.53 -12.50
C ARG C 138 2.88 -8.77 -13.99
N ALA C 139 1.66 -8.56 -14.55
CA ALA C 139 1.46 -8.45 -16.03
C ALA C 139 1.40 -6.98 -16.44
N ARG D 23 -26.48 -27.67 -11.82
CA ARG D 23 -25.42 -26.69 -12.01
C ARG D 23 -24.79 -26.85 -13.39
N LYS D 24 -25.12 -25.93 -14.28
CA LYS D 24 -24.60 -26.01 -15.64
C LYS D 24 -23.19 -25.45 -15.70
N VAL D 25 -22.30 -26.18 -16.38
CA VAL D 25 -20.95 -25.70 -16.59
C VAL D 25 -20.98 -24.44 -17.43
N LEU D 26 -20.15 -23.46 -17.07
CA LEU D 26 -20.07 -22.18 -17.75
C LEU D 26 -18.79 -22.13 -18.58
N ARG D 27 -18.92 -21.77 -19.86
CA ARG D 27 -17.77 -21.71 -20.76
C ARG D 27 -17.96 -20.58 -21.76
N ASP D 28 -16.83 -19.95 -22.15
CA ASP D 28 -16.82 -18.87 -23.14
C ASP D 28 -17.72 -17.71 -22.72
N ASN D 29 -17.40 -17.06 -21.60
CA ASN D 29 -18.27 -16.06 -21.01
C ASN D 29 -17.64 -14.68 -20.91
N ILE D 30 -16.32 -14.56 -21.05
CA ILE D 30 -15.68 -13.25 -21.05
C ILE D 30 -16.15 -12.41 -22.22
N GLN D 31 -16.59 -13.04 -23.31
CA GLN D 31 -17.13 -12.34 -24.47
C GLN D 31 -18.46 -11.66 -24.19
N GLY D 32 -19.11 -11.97 -23.07
CA GLY D 32 -20.31 -11.24 -22.70
C GLY D 32 -20.03 -9.82 -22.25
N ILE D 33 -18.75 -9.51 -22.00
CA ILE D 33 -18.29 -8.16 -21.70
C ILE D 33 -18.03 -7.57 -23.07
N THR D 34 -19.06 -6.99 -23.67
CA THR D 34 -19.03 -6.61 -25.06
C THR D 34 -18.17 -5.38 -25.31
N LYS D 35 -17.84 -5.23 -26.60
CA LYS D 35 -17.10 -4.08 -27.09
C LYS D 35 -17.70 -2.75 -26.67
N PRO D 36 -18.98 -2.49 -26.88
CA PRO D 36 -19.54 -1.20 -26.44
C PRO D 36 -19.46 -0.96 -24.94
N ALA D 37 -19.51 -1.98 -24.09
CA ALA D 37 -19.36 -1.72 -22.66
C ALA D 37 -17.94 -1.27 -22.37
N ILE D 38 -16.97 -1.87 -23.05
CA ILE D 38 -15.57 -1.48 -22.88
C ILE D 38 -15.39 -0.07 -23.42
N ARG D 39 -16.09 0.24 -24.51
CA ARG D 39 -16.03 1.60 -25.06
C ARG D 39 -16.57 2.59 -24.04
N ARG D 40 -17.71 2.26 -23.42
CA ARG D 40 -18.31 3.15 -22.42
C ARG D 40 -17.35 3.40 -21.26
N LEU D 41 -16.72 2.34 -20.76
CA LEU D 41 -15.76 2.49 -19.68
C LEU D 41 -14.61 3.38 -20.11
N ALA D 42 -14.13 3.21 -21.34
CA ALA D 42 -13.06 4.04 -21.85
C ALA D 42 -13.50 5.49 -21.96
N ARG D 43 -14.75 5.70 -22.34
CA ARG D 43 -15.32 7.03 -22.41
C ARG D 43 -15.35 7.69 -21.05
N ARG D 44 -15.71 6.97 -20.00
CA ARG D 44 -15.65 7.55 -18.67
C ARG D 44 -14.24 7.93 -18.28
N GLY D 45 -13.24 7.20 -18.75
CA GLY D 45 -11.84 7.50 -18.60
C GLY D 45 -11.29 8.63 -19.44
N GLY D 46 -12.11 9.22 -20.29
CA GLY D 46 -11.70 10.34 -21.11
C GLY D 46 -11.04 9.97 -22.42
N VAL D 47 -11.18 8.74 -22.88
CA VAL D 47 -10.58 8.24 -24.11
C VAL D 47 -11.50 8.56 -25.27
N LYS D 48 -10.93 9.16 -26.32
CA LYS D 48 -11.71 9.55 -27.49
C LYS D 48 -11.69 8.53 -28.61
N ARG D 49 -10.59 7.83 -28.83
CA ARG D 49 -10.48 6.88 -29.93
C ARG D 49 -9.79 5.61 -29.43
N ILE D 50 -10.25 4.45 -29.89
CA ILE D 50 -9.82 3.17 -29.35
C ILE D 50 -9.48 2.20 -30.47
N SER D 51 -8.27 1.66 -30.44
CA SER D 51 -7.85 0.65 -31.38
C SER D 51 -8.64 -0.63 -31.15
N GLY D 52 -8.85 -1.37 -32.24
CA GLY D 52 -9.59 -2.62 -32.17
C GLY D 52 -8.96 -3.71 -31.34
N LEU D 53 -7.64 -3.70 -31.17
CA LEU D 53 -6.96 -4.72 -30.40
C LEU D 53 -7.01 -4.50 -28.88
N ILE D 54 -7.45 -3.33 -28.43
CA ILE D 54 -7.53 -3.04 -26.99
C ILE D 54 -8.50 -3.96 -26.27
N TYR D 55 -9.61 -4.30 -26.92
CA TYR D 55 -10.70 -4.98 -26.24
C TYR D 55 -10.31 -6.34 -25.66
N GLU D 56 -9.64 -7.18 -26.45
CA GLU D 56 -9.24 -8.47 -25.92
C GLU D 56 -8.21 -8.32 -24.81
N GLU D 57 -7.31 -7.35 -24.96
CA GLU D 57 -6.31 -7.15 -23.93
C GLU D 57 -6.99 -6.73 -22.63
N THR D 58 -7.97 -5.83 -22.75
CA THR D 58 -8.69 -5.37 -21.58
C THR D 58 -9.38 -6.52 -20.89
N ARG D 59 -9.95 -7.44 -21.67
CA ARG D 59 -10.66 -8.56 -21.08
C ARG D 59 -9.74 -9.41 -20.24
N GLY D 60 -8.53 -9.66 -20.76
CA GLY D 60 -7.58 -10.45 -20.03
C GLY D 60 -7.18 -9.80 -18.73
N VAL D 61 -6.97 -8.49 -18.76
CA VAL D 61 -6.58 -7.76 -17.56
C VAL D 61 -7.67 -7.88 -16.51
N LEU D 62 -8.92 -7.73 -16.94
CA LEU D 62 -10.01 -7.81 -15.99
C LEU D 62 -10.10 -9.19 -15.38
N LYS D 63 -9.91 -10.22 -16.20
CA LYS D 63 -10.01 -11.58 -15.70
C LYS D 63 -8.99 -11.84 -14.60
N VAL D 64 -7.77 -11.33 -14.79
CA VAL D 64 -6.73 -11.54 -13.78
C VAL D 64 -7.14 -10.90 -12.47
N PHE D 65 -7.60 -9.66 -12.54
CA PHE D 65 -8.01 -8.93 -11.35
C PHE D 65 -9.09 -9.70 -10.63
N LEU D 66 -10.10 -10.12 -11.38
CA LEU D 66 -11.22 -10.83 -10.78
C LEU D 66 -10.75 -12.11 -10.11
N GLU D 67 -9.94 -12.90 -10.82
CA GLU D 67 -9.42 -14.13 -10.24
C GLU D 67 -8.80 -13.91 -8.87
N ASN D 68 -7.94 -12.89 -8.76
CA ASN D 68 -7.26 -12.65 -7.49
C ASN D 68 -8.25 -12.32 -6.41
N VAL D 69 -9.25 -11.49 -6.73
CA VAL D 69 -10.23 -11.13 -5.72
C VAL D 69 -11.01 -12.36 -5.31
N ILE D 70 -11.51 -13.12 -6.29
CA ILE D 70 -12.32 -14.27 -5.94
C ILE D 70 -11.48 -15.26 -5.17
N ARG D 71 -10.20 -15.39 -5.54
CA ARG D 71 -9.30 -16.31 -4.85
C ARG D 71 -9.27 -15.99 -3.37
N ASP D 72 -9.12 -14.73 -3.03
CA ASP D 72 -9.09 -14.36 -1.63
C ASP D 72 -10.45 -14.47 -0.97
N ALA D 73 -11.51 -14.03 -1.65
CA ALA D 73 -12.85 -14.10 -1.07
C ALA D 73 -13.24 -15.50 -0.66
N VAL D 74 -12.97 -16.47 -1.53
CA VAL D 74 -13.33 -17.84 -1.23
C VAL D 74 -12.51 -18.37 -0.07
N THR D 75 -11.26 -17.89 0.04
CA THR D 75 -10.45 -18.31 1.17
C THR D 75 -11.07 -17.89 2.49
N TYR D 76 -11.61 -16.66 2.55
CA TYR D 76 -12.27 -16.24 3.78
C TYR D 76 -13.50 -17.08 4.00
N THR D 77 -14.21 -17.38 2.91
CA THR D 77 -15.40 -18.19 2.97
C THR D 77 -15.05 -19.55 3.53
N GLU D 78 -13.99 -20.17 3.01
CA GLU D 78 -13.63 -21.49 3.47
C GLU D 78 -13.26 -21.49 4.94
N HIS D 79 -12.58 -20.44 5.44
CA HIS D 79 -12.22 -20.44 6.85
C HIS D 79 -13.44 -20.51 7.77
N ALA D 80 -14.51 -19.81 7.40
CA ALA D 80 -15.71 -19.78 8.22
C ALA D 80 -16.62 -20.97 7.99
N LYS D 81 -16.27 -21.88 7.07
CA LYS D 81 -17.08 -23.05 6.76
C LYS D 81 -18.45 -22.67 6.24
N ARG D 82 -18.45 -21.68 5.35
CA ARG D 82 -19.62 -21.11 4.72
C ARG D 82 -19.52 -21.37 3.22
N LYS D 83 -20.68 -21.48 2.56
CA LYS D 83 -20.74 -21.65 1.12
C LYS D 83 -21.30 -20.44 0.39
N THR D 84 -21.42 -19.30 1.05
CA THR D 84 -21.93 -18.08 0.43
C THR D 84 -20.93 -16.96 0.62
N VAL D 85 -20.48 -16.40 -0.50
CA VAL D 85 -19.58 -15.26 -0.52
C VAL D 85 -20.35 -13.98 -0.20
N THR D 86 -19.93 -13.27 0.83
CA THR D 86 -20.59 -12.04 1.23
C THR D 86 -19.83 -10.85 0.67
N ALA D 87 -20.49 -9.69 0.73
CA ALA D 87 -19.87 -8.44 0.34
C ALA D 87 -18.63 -8.10 1.15
N MET D 88 -18.65 -8.45 2.44
CA MET D 88 -17.50 -8.15 3.29
C MET D 88 -16.27 -8.96 2.89
N ASP D 89 -16.46 -10.21 2.45
CA ASP D 89 -15.34 -11.02 1.98
C ASP D 89 -14.66 -10.35 0.81
N VAL D 90 -15.45 -9.80 -0.11
CA VAL D 90 -14.92 -9.11 -1.27
C VAL D 90 -14.19 -7.85 -0.83
N VAL D 91 -14.80 -7.07 0.05
CA VAL D 91 -14.19 -5.85 0.55
C VAL D 91 -12.82 -6.14 1.14
N TYR D 92 -12.71 -7.19 1.95
CA TYR D 92 -11.43 -7.54 2.55
C TYR D 92 -10.42 -8.00 1.50
N ALA D 93 -10.86 -8.80 0.52
CA ALA D 93 -9.98 -9.21 -0.55
C ALA D 93 -9.43 -8.02 -1.31
N LEU D 94 -10.29 -7.04 -1.55
CA LEU D 94 -9.89 -5.83 -2.25
C LEU D 94 -8.94 -5.02 -1.38
N LYS D 95 -9.20 -4.99 -0.07
CA LYS D 95 -8.38 -4.24 0.86
C LYS D 95 -6.96 -4.74 0.83
N ARG D 96 -6.75 -6.06 0.85
CA ARG D 96 -5.38 -6.54 0.86
C ARG D 96 -4.68 -6.29 -0.47
N GLN D 97 -5.45 -6.07 -1.54
CA GLN D 97 -4.89 -5.69 -2.83
C GLN D 97 -4.81 -4.17 -3.02
N GLY D 98 -5.03 -3.39 -1.96
CA GLY D 98 -4.97 -1.95 -2.04
C GLY D 98 -6.07 -1.27 -2.84
N ARG D 99 -7.28 -1.84 -2.86
CA ARG D 99 -8.39 -1.25 -3.60
C ARG D 99 -9.63 -1.15 -2.71
N THR D 100 -9.48 -0.56 -1.54
CA THR D 100 -10.57 -0.38 -0.58
C THR D 100 -11.85 0.13 -1.22
N LEU D 101 -12.95 -0.54 -0.93
CA LEU D 101 -14.27 -0.18 -1.45
C LEU D 101 -15.18 0.19 -0.29
N TYR D 102 -15.81 1.35 -0.41
CA TYR D 102 -16.77 1.86 0.56
C TYR D 102 -18.18 1.68 0.04
N GLY D 103 -19.12 1.41 0.96
CA GLY D 103 -20.52 1.36 0.63
C GLY D 103 -21.24 0.03 0.71
N PHE D 104 -20.51 -1.05 0.99
CA PHE D 104 -21.10 -2.39 1.01
C PHE D 104 -20.92 -3.05 2.37
N GLY D 105 -20.68 -2.27 3.41
CA GLY D 105 -20.54 -2.74 4.76
C GLY D 105 -19.25 -2.27 5.40
N GLY D 106 -19.28 -2.27 6.75
CA GLY D 106 -18.08 -2.18 7.62
C GLY D 106 -16.83 -1.41 7.20
N GLY E 12 7.50 -38.75 44.47
CA GLY E 12 6.58 -37.70 44.08
C GLY E 12 6.83 -37.23 42.66
N LYS E 13 7.60 -36.16 42.53
CA LYS E 13 7.94 -35.58 41.24
C LYS E 13 9.18 -36.25 40.67
N ALA E 14 9.12 -36.60 39.39
CA ALA E 14 10.20 -37.31 38.71
C ALA E 14 11.05 -36.40 37.83
N ARG E 15 10.45 -35.43 37.14
CA ARG E 15 11.16 -34.49 36.28
C ARG E 15 11.91 -35.24 35.17
N ALA E 16 11.11 -35.84 34.28
CA ALA E 16 11.65 -36.29 33.01
C ALA E 16 12.36 -35.14 32.32
N LYS E 17 13.43 -35.44 31.61
CA LYS E 17 14.28 -34.39 31.07
C LYS E 17 13.54 -33.62 29.99
N ALA E 18 13.98 -32.39 29.75
CA ALA E 18 13.31 -31.52 28.81
C ALA E 18 13.64 -31.89 27.38
N LYS E 19 12.71 -31.54 26.49
CA LYS E 19 12.89 -31.65 25.05
C LYS E 19 12.24 -30.42 24.43
N THR E 20 12.94 -29.78 23.51
CA THR E 20 12.38 -28.60 22.90
C THR E 20 11.28 -28.98 21.91
N ARG E 21 10.38 -28.02 21.69
CA ARG E 21 9.28 -28.19 20.73
C ARG E 21 9.78 -28.23 19.31
N SER E 22 10.84 -27.50 19.00
CA SER E 22 11.45 -27.56 17.68
C SER E 22 11.86 -28.98 17.31
N SER E 23 12.56 -29.67 18.21
CA SER E 23 12.97 -31.05 17.93
C SER E 23 11.78 -31.97 17.75
N ARG E 24 10.73 -31.81 18.56
CA ARG E 24 9.52 -32.61 18.39
C ARG E 24 8.87 -32.35 17.04
N ALA E 25 8.91 -31.12 16.56
CA ALA E 25 8.33 -30.75 15.28
C ALA E 25 9.28 -31.00 14.11
N GLY E 26 10.53 -31.33 14.39
CA GLY E 26 11.51 -31.56 13.34
C GLY E 26 11.99 -30.29 12.69
N LEU E 27 11.98 -29.18 13.43
CA LEU E 27 12.33 -27.86 12.94
C LEU E 27 13.60 -27.38 13.61
N GLN E 28 14.23 -26.39 12.99
CA GLN E 28 15.37 -25.70 13.58
C GLN E 28 14.96 -24.39 14.24
N PHE E 29 13.97 -23.71 13.67
CA PHE E 29 13.47 -22.47 14.22
C PHE E 29 12.70 -22.75 15.51
N PRO E 30 12.66 -21.79 16.43
CA PRO E 30 12.06 -22.05 17.73
C PRO E 30 10.54 -21.95 17.69
N VAL E 31 9.94 -22.28 18.82
CA VAL E 31 8.51 -22.27 19.01
C VAL E 31 8.11 -21.43 20.21
N GLY E 32 8.82 -21.63 21.32
CA GLY E 32 8.55 -20.89 22.53
C GLY E 32 8.61 -19.39 22.31
N ARG E 33 9.64 -18.94 21.62
CA ARG E 33 9.79 -17.52 21.33
C ARG E 33 8.67 -17.00 20.45
N VAL E 34 8.28 -17.75 19.41
CA VAL E 34 7.19 -17.31 18.56
C VAL E 34 5.90 -17.20 19.37
N HIS E 35 5.66 -18.16 20.26
CA HIS E 35 4.49 -18.11 21.13
C HIS E 35 4.53 -16.87 22.01
N ARG E 36 5.70 -16.59 22.60
CA ARG E 36 5.86 -15.39 23.40
C ARG E 36 5.60 -14.14 22.60
N LEU E 37 6.10 -14.08 21.36
CA LEU E 37 5.90 -12.92 20.50
C LEU E 37 4.45 -12.77 20.08
N LEU E 38 3.73 -13.87 19.89
CA LEU E 38 2.31 -13.73 19.59
C LEU E 38 1.57 -13.19 20.79
N ARG E 39 1.83 -13.73 21.98
CA ARG E 39 1.16 -13.22 23.18
C ARG E 39 1.50 -11.74 23.38
N LYS E 40 2.77 -11.39 23.17
CA LYS E 40 3.29 -10.03 23.35
C LYS E 40 3.22 -9.37 21.98
N GLY E 41 2.16 -8.62 21.75
CA GLY E 41 1.97 -7.90 20.50
C GLY E 41 0.52 -7.68 20.08
N ASN E 42 -0.40 -8.07 20.97
CA ASN E 42 -1.83 -7.92 20.82
C ASN E 42 -2.38 -8.52 19.53
N TYR E 43 -2.09 -9.79 19.29
CA TYR E 43 -2.60 -10.45 18.10
C TYR E 43 -3.91 -11.17 18.39
N SER E 44 -4.01 -11.81 19.55
CA SER E 44 -5.22 -12.49 19.98
C SER E 44 -5.11 -12.62 21.49
N GLU E 45 -6.24 -12.88 22.15
CA GLU E 45 -6.16 -13.08 23.59
C GLU E 45 -5.41 -14.35 23.94
N ARG E 46 -5.61 -15.40 23.15
CA ARG E 46 -5.01 -16.70 23.35
C ARG E 46 -4.38 -17.18 22.06
N VAL E 47 -3.37 -18.04 22.19
CA VAL E 47 -2.64 -18.57 21.05
C VAL E 47 -2.56 -20.07 21.18
N GLY E 48 -3.06 -20.77 20.18
CA GLY E 48 -3.02 -22.22 20.17
C GLY E 48 -1.63 -22.80 20.01
N ALA E 49 -1.51 -24.04 20.44
CA ALA E 49 -0.26 -24.77 20.40
C ALA E 49 0.26 -25.04 18.99
N GLY E 50 -0.63 -25.27 18.03
CA GLY E 50 -0.20 -25.54 16.67
C GLY E 50 0.19 -24.36 15.82
N ALA E 51 -0.31 -23.17 16.13
CA ALA E 51 -0.02 -21.98 15.33
C ALA E 51 1.47 -21.71 15.21
N PRO E 52 2.25 -21.65 16.29
CA PRO E 52 3.67 -21.38 16.16
C PRO E 52 4.48 -22.46 15.46
N VAL E 53 4.04 -23.72 15.48
CA VAL E 53 4.75 -24.76 14.75
C VAL E 53 4.63 -24.52 13.26
N TYR E 54 3.41 -24.28 12.81
CA TYR E 54 3.12 -24.07 11.41
C TYR E 54 3.88 -22.83 10.92
N LEU E 55 3.78 -21.75 11.68
CA LEU E 55 4.47 -20.52 11.33
C LEU E 55 5.99 -20.69 11.28
N ALA E 56 6.57 -21.35 12.29
CA ALA E 56 8.01 -21.57 12.30
C ALA E 56 8.45 -22.38 11.09
N ALA E 57 7.64 -23.37 10.72
CA ALA E 57 7.97 -24.21 9.56
C ALA E 57 7.93 -23.38 8.28
N VAL E 58 6.95 -22.48 8.18
CA VAL E 58 6.83 -21.64 7.00
C VAL E 58 8.02 -20.70 6.88
N LEU E 59 8.40 -20.10 8.01
CA LEU E 59 9.55 -19.19 8.02
C LEU E 59 10.83 -19.94 7.66
N GLU E 60 10.95 -21.18 8.11
CA GLU E 60 12.13 -21.97 7.80
C GLU E 60 12.20 -22.29 6.31
N TYR E 61 11.07 -22.70 5.72
CA TYR E 61 11.07 -23.02 4.29
C TYR E 61 11.47 -21.80 3.47
N LEU E 62 10.86 -20.65 3.75
CA LEU E 62 11.18 -19.46 2.95
C LEU E 62 12.63 -19.01 3.14
N THR E 63 13.14 -19.11 4.37
CA THR E 63 14.54 -18.81 4.62
C THR E 63 15.45 -19.74 3.83
N ALA E 64 15.12 -21.03 3.81
CA ALA E 64 15.93 -21.99 3.07
C ALA E 64 15.91 -21.68 1.58
N GLU E 65 14.77 -21.19 1.08
CA GLU E 65 14.65 -20.88 -0.34
C GLU E 65 15.53 -19.71 -0.71
N ILE E 66 15.51 -18.66 0.11
CA ILE E 66 16.36 -17.49 -0.16
C ILE E 66 17.82 -17.88 -0.05
N LEU E 67 18.19 -18.58 1.02
CA LEU E 67 19.58 -18.95 1.20
C LEU E 67 20.08 -19.87 0.08
N GLU E 68 19.22 -20.78 -0.40
CA GLU E 68 19.56 -21.67 -1.50
C GLU E 68 19.87 -20.88 -2.78
N LEU E 69 18.97 -19.99 -3.17
CA LEU E 69 19.19 -19.23 -4.39
C LEU E 69 20.38 -18.28 -4.25
N ALA E 70 20.55 -17.70 -3.06
CA ALA E 70 21.66 -16.79 -2.87
C ALA E 70 22.99 -17.52 -2.89
N GLY E 71 23.05 -18.72 -2.31
CA GLY E 71 24.27 -19.51 -2.41
C GLY E 71 24.56 -19.96 -3.82
N ASN E 72 23.51 -20.23 -4.61
CA ASN E 72 23.72 -20.55 -6.00
C ASN E 72 24.32 -19.37 -6.75
N ALA E 73 23.82 -18.17 -6.49
CA ALA E 73 24.39 -16.99 -7.12
C ALA E 73 25.82 -16.76 -6.66
N ALA E 74 26.10 -17.10 -5.40
CA ALA E 74 27.45 -16.96 -4.88
C ALA E 74 28.40 -17.86 -5.64
N ARG E 75 28.06 -19.15 -5.77
CA ARG E 75 28.93 -20.04 -6.51
C ARG E 75 29.08 -19.56 -7.94
N ASP E 76 28.01 -19.02 -8.54
CA ASP E 76 28.11 -18.50 -9.89
C ASP E 76 29.16 -17.40 -9.98
N ASN E 77 29.32 -16.57 -8.94
CA ASN E 77 30.34 -15.53 -8.97
C ASN E 77 31.65 -16.01 -8.32
N LYS E 78 31.76 -17.32 -8.08
CA LYS E 78 32.94 -17.97 -7.49
C LYS E 78 33.29 -17.42 -6.10
N LYS E 79 32.25 -17.04 -5.36
CA LYS E 79 32.36 -16.52 -4.01
C LYS E 79 31.74 -17.54 -3.07
N THR E 80 32.38 -17.78 -1.94
CA THR E 80 31.85 -18.68 -0.92
C THR E 80 30.99 -18.02 0.13
N ARG E 81 30.99 -16.69 0.24
CA ARG E 81 30.18 -16.00 1.25
C ARG E 81 29.05 -15.21 0.59
N ILE E 82 27.84 -15.40 1.13
CA ILE E 82 26.66 -14.68 0.72
C ILE E 82 26.70 -13.22 1.18
N ILE E 83 26.50 -12.30 0.25
CA ILE E 83 26.39 -10.88 0.56
C ILE E 83 25.01 -10.42 0.09
N PRO E 84 24.55 -9.23 0.49
CA PRO E 84 23.22 -8.75 0.07
C PRO E 84 22.95 -8.74 -1.43
N ARG E 85 23.96 -8.45 -2.23
CA ARG E 85 23.83 -8.46 -3.68
C ARG E 85 23.25 -9.78 -4.17
N HIS E 86 23.79 -10.89 -3.69
CA HIS E 86 23.28 -12.21 -4.08
C HIS E 86 21.82 -12.41 -3.69
N LEU E 87 21.42 -11.89 -2.53
CA LEU E 87 20.02 -12.00 -2.13
C LEU E 87 19.11 -11.19 -3.02
N GLN E 88 19.54 -10.01 -3.43
CA GLN E 88 18.71 -9.19 -4.32
C GLN E 88 18.61 -9.86 -5.67
N LEU E 89 19.73 -10.36 -6.21
CA LEU E 89 19.70 -11.06 -7.49
C LEU E 89 18.75 -12.24 -7.42
N ALA E 90 18.82 -13.02 -6.34
CA ALA E 90 17.94 -14.17 -6.14
C ALA E 90 16.47 -13.76 -6.14
N ILE E 91 16.12 -12.73 -5.37
CA ILE E 91 14.72 -12.31 -5.27
C ILE E 91 14.19 -11.77 -6.61
N ARG E 92 14.92 -10.85 -7.23
CA ARG E 92 14.37 -10.21 -8.43
C ARG E 92 14.32 -11.14 -9.63
N ASN E 93 15.14 -12.17 -9.67
CA ASN E 93 15.07 -13.14 -10.76
C ASN E 93 14.04 -14.24 -10.50
N ASP E 94 13.39 -14.26 -9.33
CA ASP E 94 12.37 -15.23 -8.99
C ASP E 94 11.03 -14.51 -8.93
N GLU E 95 10.12 -14.92 -9.83
CA GLU E 95 8.81 -14.27 -9.99
C GLU E 95 8.00 -14.20 -8.69
N GLU E 96 7.98 -15.27 -7.90
CA GLU E 96 7.15 -15.26 -6.70
C GLU E 96 7.77 -14.42 -5.58
N LEU E 97 9.08 -14.48 -5.44
CA LEU E 97 9.72 -13.67 -4.43
C LEU E 97 9.67 -12.21 -4.83
N ASN E 98 9.79 -11.93 -6.12
CA ASN E 98 9.70 -10.57 -6.62
C ASN E 98 8.32 -10.01 -6.34
N LYS E 99 7.27 -10.81 -6.55
CA LYS E 99 5.93 -10.34 -6.23
C LYS E 99 5.75 -10.06 -4.75
N LEU E 100 6.10 -11.04 -3.91
CA LEU E 100 5.98 -10.85 -2.46
C LEU E 100 6.78 -9.66 -1.94
N LEU E 101 7.99 -9.47 -2.45
CA LEU E 101 8.89 -8.40 -2.00
C LEU E 101 9.04 -7.29 -3.02
N GLY E 102 7.95 -6.99 -3.72
CA GLY E 102 7.98 -5.97 -4.75
C GLY E 102 8.26 -4.57 -4.23
N ARG E 103 7.87 -4.30 -2.98
CA ARG E 103 8.06 -2.98 -2.37
C ARG E 103 9.12 -2.95 -1.29
N VAL E 104 10.16 -3.80 -1.39
CA VAL E 104 11.20 -3.90 -0.38
C VAL E 104 12.53 -3.54 -1.03
N THR E 105 13.35 -2.76 -0.32
CA THR E 105 14.68 -2.40 -0.75
C THR E 105 15.73 -3.15 0.07
N ILE E 106 16.60 -3.89 -0.61
CA ILE E 106 17.72 -4.59 0.02
C ILE E 106 18.95 -3.72 -0.05
N ALA E 107 19.39 -3.20 1.10
CA ALA E 107 20.54 -2.33 1.19
C ALA E 107 21.81 -2.98 0.62
N GLN E 108 22.56 -2.17 -0.12
CA GLN E 108 23.78 -2.59 -0.80
C GLN E 108 23.51 -3.75 -1.76
N GLY E 109 22.29 -3.82 -2.26
CA GLY E 109 21.86 -4.85 -3.19
C GLY E 109 22.07 -4.51 -4.64
N GLY E 110 22.01 -3.22 -4.95
CA GLY E 110 22.06 -2.80 -6.34
C GLY E 110 20.81 -3.19 -7.08
N VAL E 111 20.90 -3.29 -8.40
CA VAL E 111 19.78 -3.63 -9.26
C VAL E 111 20.21 -4.72 -10.23
N LEU E 112 19.21 -5.32 -10.89
CA LEU E 112 19.49 -6.33 -11.88
C LEU E 112 20.02 -5.68 -13.16
N PRO E 113 21.00 -6.31 -13.83
CA PRO E 113 21.41 -5.79 -15.14
C PRO E 113 20.27 -5.85 -16.16
N ASN E 114 19.97 -4.72 -16.78
CA ASN E 114 18.90 -4.67 -17.77
C ASN E 114 18.99 -3.39 -18.59
N ILE E 115 19.29 -3.54 -19.86
CA ILE E 115 19.36 -2.42 -20.80
C ILE E 115 18.25 -2.64 -21.80
N GLN E 116 17.42 -1.62 -22.04
CA GLN E 116 16.37 -1.77 -23.03
C GLN E 116 16.99 -1.91 -24.40
N ALA E 117 16.58 -2.96 -25.12
CA ALA E 117 17.09 -3.31 -26.44
C ALA E 117 17.19 -2.14 -27.42
N VAL E 118 16.20 -1.26 -27.48
CA VAL E 118 16.27 -0.13 -28.41
C VAL E 118 17.30 0.94 -28.07
N LEU E 119 17.91 1.00 -26.89
CA LEU E 119 18.91 2.04 -26.64
C LEU E 119 20.31 1.62 -27.07
N LEU E 120 20.55 0.33 -27.32
CA LEU E 120 21.86 -0.13 -27.73
C LEU E 120 22.12 0.21 -29.19
N PRO E 121 23.38 0.41 -29.59
CA PRO E 121 23.66 0.71 -30.99
C PRO E 121 23.29 -0.45 -31.91
N LYS E 122 23.08 -0.11 -33.18
CA LYS E 122 22.69 -1.12 -34.15
C LYS E 122 23.87 -2.05 -34.41
N LYS E 123 23.59 -3.34 -34.59
CA LYS E 123 24.67 -4.33 -34.61
C LYS E 123 25.34 -4.48 -35.96
N THR E 124 25.20 -3.51 -36.87
CA THR E 124 25.94 -3.50 -38.13
C THR E 124 27.17 -2.60 -37.96
N GLU E 125 28.19 -3.15 -37.27
CA GLU E 125 29.43 -2.44 -36.96
C GLU E 125 30.59 -3.40 -37.17
N SER E 126 31.25 -3.29 -38.32
CA SER E 126 32.42 -4.11 -38.61
C SER E 126 33.11 -3.63 -39.88
N ARG F 33 23.31 -8.19 34.37
CA ARG F 33 22.81 -6.93 33.83
C ARG F 33 24.00 -6.08 33.42
N LYS F 34 24.71 -6.54 32.39
CA LYS F 34 25.76 -5.75 31.75
C LYS F 34 26.20 -6.47 30.49
N ARG F 35 26.29 -5.79 29.34
CA ARG F 35 25.98 -4.37 29.10
C ARG F 35 24.49 -4.17 28.77
N SER F 36 23.87 -5.15 28.12
CA SER F 36 22.47 -5.06 27.74
C SER F 36 22.02 -6.42 27.24
N ARG F 37 20.73 -6.52 26.91
CA ARG F 37 20.11 -7.76 26.47
C ARG F 37 19.26 -7.60 25.21
N LYS F 38 19.77 -8.17 24.11
CA LYS F 38 19.16 -8.08 22.80
C LYS F 38 18.79 -9.50 22.39
N GLU F 39 18.23 -9.65 21.19
CA GLU F 39 17.87 -10.96 20.68
C GLU F 39 17.77 -10.92 19.17
N SER F 40 18.10 -12.04 18.53
CA SER F 40 17.95 -12.15 17.09
C SER F 40 17.73 -13.60 16.69
N TYR F 41 17.40 -13.77 15.41
CA TYR F 41 17.22 -15.05 14.76
C TYR F 41 18.50 -15.59 14.13
N SER F 42 19.64 -14.93 14.38
CA SER F 42 20.92 -15.27 13.79
C SER F 42 21.31 -16.75 13.87
N ILE F 43 21.24 -17.36 15.05
CA ILE F 43 21.69 -18.75 15.20
C ILE F 43 20.84 -19.72 14.38
N TYR F 44 19.57 -19.43 14.19
CA TYR F 44 18.70 -20.34 13.46
C TYR F 44 18.90 -20.26 11.95
N VAL F 45 19.16 -19.06 11.43
CA VAL F 45 19.45 -18.89 10.01
C VAL F 45 20.70 -19.66 9.62
N TYR F 46 21.72 -19.62 10.48
CA TYR F 46 22.99 -20.29 10.18
C TYR F 46 22.82 -21.80 10.11
N LYS F 47 21.97 -22.36 10.96
CA LYS F 47 21.69 -23.79 10.89
C LYS F 47 21.05 -24.19 9.58
N VAL F 48 20.07 -23.41 9.10
CA VAL F 48 19.44 -23.75 7.83
C VAL F 48 20.45 -23.65 6.71
N LEU F 49 21.27 -22.60 6.73
CA LEU F 49 22.31 -22.47 5.74
C LEU F 49 23.24 -23.68 5.75
N LYS F 50 23.66 -24.14 6.93
CA LYS F 50 24.55 -25.30 7.02
C LYS F 50 23.88 -26.60 6.57
N GLN F 51 22.57 -26.71 6.75
CA GLN F 51 21.89 -27.92 6.27
C GLN F 51 21.76 -27.93 4.75
N VAL F 52 21.39 -26.80 4.15
CA VAL F 52 21.18 -26.77 2.70
C VAL F 52 22.47 -26.61 1.88
N HIS F 53 23.45 -25.83 2.35
CA HIS F 53 24.70 -25.61 1.63
C HIS F 53 25.84 -25.65 2.65
N PRO F 54 26.35 -26.84 2.97
CA PRO F 54 27.35 -26.96 4.05
C PRO F 54 28.57 -26.07 3.90
N ASP F 55 29.03 -25.81 2.68
CA ASP F 55 30.24 -25.01 2.45
C ASP F 55 29.88 -23.60 2.03
N THR F 56 29.43 -22.81 3.01
CA THR F 56 29.02 -21.44 2.77
C THR F 56 28.88 -20.73 4.10
N GLY F 57 29.34 -19.48 4.14
CA GLY F 57 29.23 -18.63 5.30
C GLY F 57 28.19 -17.56 5.07
N ILE F 58 28.20 -16.55 5.95
CA ILE F 58 27.25 -15.46 5.81
C ILE F 58 27.78 -14.20 6.49
N SER F 59 27.62 -13.07 5.81
CA SER F 59 28.05 -11.78 6.34
C SER F 59 27.08 -11.29 7.41
N SER F 60 27.53 -10.33 8.21
CA SER F 60 26.69 -9.79 9.26
C SER F 60 25.53 -8.99 8.68
N LYS F 61 25.81 -8.23 7.61
CA LYS F 61 24.78 -7.47 6.91
C LYS F 61 23.69 -8.36 6.36
N ALA F 62 24.06 -9.47 5.75
CA ALA F 62 23.07 -10.40 5.20
C ALA F 62 22.21 -11.02 6.28
N MET F 63 22.81 -11.38 7.41
CA MET F 63 22.03 -11.93 8.49
C MET F 63 21.01 -10.93 9.00
N GLY F 64 21.39 -9.66 9.04
CA GLY F 64 20.46 -8.61 9.41
C GLY F 64 19.28 -8.49 8.47
N ILE F 65 19.52 -8.66 7.17
CA ILE F 65 18.44 -8.64 6.21
C ILE F 65 17.49 -9.81 6.42
N MET F 66 18.02 -10.99 6.72
CA MET F 66 17.14 -12.12 6.96
C MET F 66 16.34 -11.94 8.24
N ASN F 67 16.93 -11.36 9.28
CA ASN F 67 16.17 -11.12 10.50
C ASN F 67 15.05 -10.11 10.24
N SER F 68 15.35 -9.04 9.51
CA SER F 68 14.32 -8.08 9.12
C SER F 68 13.21 -8.76 8.33
N PHE F 69 13.60 -9.63 7.40
CA PHE F 69 12.66 -10.36 6.56
C PHE F 69 11.73 -11.20 7.41
N VAL F 70 12.30 -12.00 8.30
CA VAL F 70 11.52 -12.88 9.17
C VAL F 70 10.54 -12.07 10.00
N ASN F 71 11.01 -10.97 10.61
CA ASN F 71 10.11 -10.13 11.39
C ASN F 71 8.97 -9.60 10.54
N ASP F 72 9.26 -9.19 9.31
CA ASP F 72 8.23 -8.67 8.43
C ASP F 72 7.18 -9.73 8.09
N ILE F 73 7.62 -10.92 7.72
CA ILE F 73 6.64 -11.96 7.37
C ILE F 73 5.86 -12.40 8.61
N PHE F 74 6.53 -12.40 9.76
CA PHE F 74 5.85 -12.72 11.01
C PHE F 74 4.71 -11.74 11.24
N GLU F 75 5.01 -10.45 11.16
CA GLU F 75 4.01 -9.42 11.41
C GLU F 75 2.87 -9.53 10.42
N ARG F 76 3.19 -9.74 9.15
CA ARG F 76 2.17 -9.87 8.12
C ARG F 76 1.21 -11.03 8.40
N ILE F 77 1.76 -12.21 8.72
CA ILE F 77 0.89 -13.36 8.96
C ILE F 77 0.08 -13.19 10.22
N ALA F 78 0.72 -12.78 11.31
CA ALA F 78 0.00 -12.63 12.56
C ALA F 78 -1.07 -11.56 12.45
N GLY F 79 -0.78 -10.45 11.78
CA GLY F 79 -1.76 -9.39 11.60
C GLY F 79 -2.97 -9.85 10.79
N GLU F 80 -2.71 -10.59 9.72
CA GLU F 80 -3.83 -11.10 8.92
C GLU F 80 -4.65 -12.10 9.72
N ALA F 81 -3.98 -13.00 10.45
CA ALA F 81 -4.71 -13.96 11.28
C ALA F 81 -5.58 -13.26 12.32
N SER F 82 -5.05 -12.19 12.90
CA SER F 82 -5.81 -11.39 13.85
C SER F 82 -7.07 -10.83 13.20
N ARG F 83 -6.93 -10.23 12.02
CA ARG F 83 -8.09 -9.69 11.32
C ARG F 83 -9.13 -10.77 11.03
N LEU F 84 -8.69 -11.94 10.53
CA LEU F 84 -9.63 -13.04 10.28
C LEU F 84 -10.39 -13.43 11.53
N ALA F 85 -9.67 -13.64 12.64
CA ALA F 85 -10.32 -14.02 13.87
C ALA F 85 -11.32 -12.96 14.31
N HIS F 86 -10.97 -11.68 14.18
CA HIS F 86 -11.90 -10.64 14.57
C HIS F 86 -13.15 -10.68 13.68
N TYR F 87 -12.98 -10.86 12.37
CA TYR F 87 -14.14 -10.92 11.50
C TYR F 87 -15.03 -12.12 11.81
N ASN F 88 -14.46 -13.23 12.28
CA ASN F 88 -15.25 -14.40 12.60
C ASN F 88 -15.56 -14.51 14.09
N LYS F 89 -15.35 -13.42 14.83
CA LYS F 89 -15.62 -13.32 16.27
C LYS F 89 -15.00 -14.47 17.07
N ARG F 90 -13.75 -14.80 16.76
CA ARG F 90 -13.02 -15.87 17.42
C ARG F 90 -11.84 -15.26 18.16
N SER F 91 -11.67 -15.66 19.41
CA SER F 91 -10.60 -15.17 20.25
C SER F 91 -9.33 -16.03 20.21
N THR F 92 -9.35 -17.15 19.50
CA THR F 92 -8.22 -18.07 19.44
C THR F 92 -7.63 -18.16 18.03
N ILE F 93 -6.31 -18.16 17.98
CA ILE F 93 -5.53 -18.39 16.77
C ILE F 93 -5.12 -19.86 16.77
N THR F 94 -5.59 -20.60 15.78
CA THR F 94 -5.27 -22.00 15.60
C THR F 94 -4.41 -22.17 14.34
N SER F 95 -4.05 -23.41 14.05
CA SER F 95 -3.31 -23.71 12.83
C SER F 95 -4.10 -23.36 11.58
N ARG F 96 -5.42 -23.29 11.69
CA ARG F 96 -6.27 -22.94 10.56
C ARG F 96 -6.06 -21.51 10.11
N GLU F 97 -5.99 -20.57 11.06
CA GLU F 97 -5.79 -19.17 10.71
C GLU F 97 -4.42 -18.92 10.09
N ILE F 98 -3.37 -19.60 10.59
CA ILE F 98 -2.06 -19.44 10.00
C ILE F 98 -2.07 -19.95 8.56
N GLN F 99 -2.65 -21.14 8.36
CA GLN F 99 -2.71 -21.76 7.04
C GLN F 99 -3.43 -20.85 6.04
N THR F 100 -4.58 -20.33 6.46
CA THR F 100 -5.35 -19.43 5.62
C THR F 100 -4.57 -18.16 5.31
N ALA F 101 -3.95 -17.57 6.32
CA ALA F 101 -3.13 -16.39 6.12
C ALA F 101 -2.04 -16.65 5.10
N VAL F 102 -1.39 -17.81 5.19
CA VAL F 102 -0.36 -18.17 4.24
C VAL F 102 -0.92 -18.24 2.82
N ARG F 103 -2.08 -18.88 2.65
CA ARG F 103 -2.65 -18.96 1.31
C ARG F 103 -3.03 -17.60 0.75
N LEU F 104 -3.47 -16.68 1.61
CA LEU F 104 -3.79 -15.33 1.13
C LEU F 104 -2.54 -14.51 0.83
N LEU F 105 -1.51 -14.65 1.65
CA LEU F 105 -0.35 -13.78 1.60
C LEU F 105 0.71 -14.23 0.60
N LEU F 106 0.95 -15.53 0.49
CA LEU F 106 1.99 -16.04 -0.38
C LEU F 106 1.40 -16.34 -1.75
N PRO F 107 2.15 -16.14 -2.84
CA PRO F 107 1.64 -16.47 -4.16
C PRO F 107 1.82 -17.93 -4.55
N GLY F 108 0.98 -18.32 -5.50
CA GLY F 108 0.93 -19.63 -6.15
C GLY F 108 1.58 -20.88 -5.58
N GLU F 109 2.67 -21.30 -6.24
CA GLU F 109 3.35 -22.53 -5.88
C GLU F 109 4.05 -22.45 -4.53
N LEU F 110 4.40 -21.25 -4.08
CA LEU F 110 5.09 -21.11 -2.81
C LEU F 110 4.19 -21.52 -1.64
N ALA F 111 2.92 -21.17 -1.70
CA ALA F 111 1.98 -21.50 -0.63
C ALA F 111 1.74 -22.99 -0.44
N LYS F 112 1.60 -23.77 -1.51
CA LYS F 112 1.37 -25.20 -1.35
C LYS F 112 2.50 -25.91 -0.61
N HIS F 113 3.75 -25.57 -0.93
CA HIS F 113 4.87 -26.22 -0.26
C HIS F 113 4.98 -25.78 1.20
N ALA F 114 4.75 -24.49 1.45
CA ALA F 114 4.78 -24.00 2.83
C ALA F 114 3.70 -24.67 3.67
N VAL F 115 2.50 -24.79 3.10
CA VAL F 115 1.39 -25.44 3.79
C VAL F 115 1.72 -26.90 4.07
N SER F 116 2.31 -27.60 3.09
CA SER F 116 2.70 -28.99 3.28
C SER F 116 3.73 -29.15 4.40
N GLU F 117 4.67 -28.22 4.51
CA GLU F 117 5.67 -28.28 5.57
C GLU F 117 5.04 -28.02 6.93
N GLY F 118 4.17 -27.03 7.00
CA GLY F 118 3.50 -26.74 8.25
C GLY F 118 2.64 -27.90 8.71
N THR F 119 1.89 -28.49 7.79
CA THR F 119 1.05 -29.63 8.11
C THR F 119 1.89 -30.80 8.63
N LYS F 120 2.97 -31.15 7.92
CA LYS F 120 3.83 -32.24 8.39
C LYS F 120 4.38 -31.95 9.78
N ALA F 121 4.73 -30.70 10.05
CA ALA F 121 5.25 -30.34 11.36
C ALA F 121 4.21 -30.49 12.45
N VAL F 122 2.98 -30.07 12.17
CA VAL F 122 1.91 -30.20 13.15
C VAL F 122 1.58 -31.66 13.43
N THR F 123 1.53 -32.49 12.38
CA THR F 123 1.24 -33.89 12.61
C THR F 123 2.36 -34.59 13.37
N LYS F 124 3.62 -34.23 13.10
CA LYS F 124 4.69 -34.84 13.85
C LYS F 124 4.67 -34.38 15.31
N TYR F 125 4.36 -33.10 15.54
CA TYR F 125 4.30 -32.60 16.90
C TYR F 125 3.19 -33.28 17.69
N THR F 126 2.00 -33.40 17.11
CA THR F 126 0.91 -34.04 17.83
C THR F 126 1.19 -35.53 18.04
N SER F 127 1.92 -36.17 17.12
CA SER F 127 2.24 -37.58 17.30
C SER F 127 3.29 -37.80 18.38
N ALA F 128 4.23 -36.87 18.53
CA ALA F 128 5.39 -37.06 19.41
C ALA F 128 5.18 -36.40 20.77
N LYS F 129 3.96 -36.40 21.29
CA LYS F 129 3.70 -35.84 22.62
C LYS F 129 4.25 -36.76 23.70
N VAL G 39 48.23 14.76 -30.40
CA VAL G 39 48.15 15.65 -31.55
C VAL G 39 47.96 14.85 -32.83
N LYS G 40 48.51 13.64 -32.87
CA LYS G 40 48.45 12.79 -34.05
C LYS G 40 47.48 11.65 -33.80
N LYS G 41 46.43 11.60 -34.62
CA LYS G 41 45.46 10.49 -34.63
C LYS G 41 44.83 10.22 -33.27
N PRO G 42 44.21 11.22 -32.63
CA PRO G 42 43.78 10.96 -31.25
C PRO G 42 42.49 10.15 -31.23
N HIS G 43 42.42 9.20 -30.31
CA HIS G 43 41.26 8.33 -30.14
C HIS G 43 40.10 9.08 -29.50
N ARG G 44 38.89 8.83 -29.98
CA ARG G 44 37.73 9.49 -29.40
C ARG G 44 36.58 8.51 -29.54
N TYR G 45 35.93 8.16 -28.43
CA TYR G 45 34.78 7.28 -28.51
C TYR G 45 33.54 8.01 -28.97
N ARG G 46 32.70 7.31 -29.73
CA ARG G 46 31.47 7.89 -30.21
C ARG G 46 30.46 8.04 -29.07
N PRO G 47 29.53 9.00 -29.19
CA PRO G 47 28.51 9.17 -28.14
C PRO G 47 27.66 7.93 -27.93
N GLY G 48 27.62 7.49 -26.67
CA GLY G 48 26.88 6.32 -26.24
C GLY G 48 27.73 5.17 -25.72
N THR G 49 28.92 4.97 -26.26
CA THR G 49 29.77 3.86 -25.85
C THR G 49 30.18 3.97 -24.38
N VAL G 50 30.62 5.16 -23.97
CA VAL G 50 31.06 5.34 -22.59
C VAL G 50 29.87 5.33 -21.65
N ALA G 51 28.75 5.89 -22.07
CA ALA G 51 27.53 5.83 -21.26
C ALA G 51 27.17 4.39 -20.96
N LEU G 52 27.18 3.53 -21.98
CA LEU G 52 26.91 2.11 -21.77
C LEU G 52 27.94 1.46 -20.86
N ARG G 53 29.21 1.84 -21.00
CA ARG G 53 30.22 1.30 -20.10
C ARG G 53 29.95 1.69 -18.65
N GLU G 54 29.47 2.92 -18.45
CA GLU G 54 29.16 3.37 -17.10
C GLU G 54 27.94 2.63 -16.56
N ILE G 55 26.97 2.36 -17.41
CA ILE G 55 25.82 1.57 -17.00
C ILE G 55 26.26 0.20 -16.52
N ARG G 56 27.06 -0.47 -17.33
CA ARG G 56 27.52 -1.81 -17.01
C ARG G 56 28.29 -1.82 -15.69
N ARG G 57 29.13 -0.80 -15.50
CA ARG G 57 29.93 -0.69 -14.29
C ARG G 57 29.06 -0.49 -13.05
N TYR G 58 28.15 0.47 -13.10
CA TYR G 58 27.36 0.78 -11.91
C TYR G 58 26.27 -0.25 -11.65
N GLN G 59 25.83 -0.99 -12.68
CA GLN G 59 24.87 -2.04 -12.44
C GLN G 59 25.57 -3.28 -11.92
N LYS G 60 26.89 -3.36 -12.05
CA LYS G 60 27.60 -4.50 -11.51
C LYS G 60 27.92 -4.32 -10.03
N SER G 61 28.07 -3.07 -9.58
CA SER G 61 28.48 -2.75 -8.22
C SER G 61 27.28 -2.28 -7.42
N THR G 62 27.50 -2.14 -6.11
CA THR G 62 26.45 -1.77 -5.18
C THR G 62 26.79 -0.57 -4.32
N GLU G 63 27.97 0.02 -4.45
CA GLU G 63 28.36 1.14 -3.61
C GLU G 63 27.45 2.34 -3.82
N LEU G 64 27.29 3.12 -2.74
CA LEU G 64 26.49 4.33 -2.79
C LEU G 64 27.13 5.39 -3.67
N LEU G 65 26.31 6.05 -4.48
CA LEU G 65 26.78 6.98 -5.47
C LEU G 65 26.73 8.45 -5.06
N ILE G 66 26.00 8.80 -4.00
CA ILE G 66 26.00 10.17 -3.50
C ILE G 66 27.01 10.35 -2.38
N ARG G 67 27.66 11.52 -2.37
CA ARG G 67 28.62 11.85 -1.34
C ARG G 67 27.89 11.98 0.01
N LYS G 68 28.50 11.43 1.05
CA LYS G 68 27.84 11.36 2.36
C LYS G 68 27.58 12.72 2.99
N LEU G 69 28.59 13.57 3.05
CA LEU G 69 28.53 14.86 3.76
C LEU G 69 27.51 15.85 3.22
N PRO G 70 27.47 16.14 1.91
CA PRO G 70 26.39 17.02 1.41
C PRO G 70 25.01 16.48 1.72
N PHE G 71 24.86 15.16 1.73
CA PHE G 71 23.58 14.58 2.06
C PHE G 71 23.26 14.83 3.53
N GLN G 72 24.27 14.68 4.39
CA GLN G 72 24.11 14.97 5.80
C GLN G 72 23.65 16.40 6.02
N ARG G 73 24.27 17.33 5.30
CA ARG G 73 23.91 18.73 5.41
C ARG G 73 22.49 19.00 4.93
N LEU G 74 22.07 18.31 3.86
CA LEU G 74 20.70 18.46 3.38
C LEU G 74 19.70 17.98 4.41
N VAL G 75 19.99 16.81 4.99
CA VAL G 75 19.13 16.22 6.01
C VAL G 75 19.00 17.15 7.21
N ARG G 76 20.13 17.68 7.69
CA ARG G 76 20.08 18.55 8.84
C ARG G 76 19.29 19.82 8.55
N GLU G 77 19.42 20.36 7.33
CA GLU G 77 18.66 21.55 6.97
C GLU G 77 17.15 21.28 6.99
N ILE G 78 16.75 20.16 6.37
CA ILE G 78 15.33 19.82 6.33
C ILE G 78 14.79 19.59 7.74
N ALA G 79 15.50 18.80 8.53
CA ALA G 79 15.05 18.55 9.90
C ALA G 79 14.99 19.84 10.71
N GLN G 80 15.96 20.72 10.52
CA GLN G 80 15.98 22.01 11.21
C GLN G 80 14.74 22.82 10.90
N ASP G 81 14.18 22.68 9.71
CA ASP G 81 12.96 23.46 9.46
C ASP G 81 11.76 22.93 10.23
N PHE G 82 11.81 21.69 10.75
CA PHE G 82 10.77 21.15 11.62
C PHE G 82 11.09 21.28 13.11
N LYS G 83 12.29 20.89 13.53
CA LYS G 83 12.73 21.01 14.91
C LYS G 83 14.20 21.37 14.97
N THR G 84 14.52 22.27 15.89
CA THR G 84 15.85 22.82 16.07
C THR G 84 16.74 21.88 16.89
N ASP G 85 18.05 22.01 16.65
CA ASP G 85 19.13 21.31 17.36
C ASP G 85 18.98 19.79 17.38
N LEU G 86 18.45 19.23 16.32
CA LEU G 86 18.33 17.78 16.23
C LEU G 86 19.69 17.15 16.01
N ARG G 87 19.85 15.92 16.47
CA ARG G 87 21.02 15.11 16.20
C ARG G 87 20.64 13.94 15.31
N PHE G 88 21.64 13.29 14.71
CA PHE G 88 21.40 12.15 13.84
C PHE G 88 22.41 11.04 14.05
N GLN G 89 21.93 9.80 14.08
CA GLN G 89 22.84 8.66 14.03
C GLN G 89 23.37 8.51 12.60
N SER G 90 24.62 8.08 12.47
CA SER G 90 25.21 7.90 11.14
C SER G 90 24.44 6.89 10.30
N SER G 91 23.96 5.82 10.94
CA SER G 91 23.21 4.80 10.22
C SER G 91 21.85 5.29 9.75
N ALA G 92 21.29 6.33 10.38
CA ALA G 92 20.02 6.86 9.91
C ALA G 92 20.23 7.54 8.57
N VAL G 93 21.33 8.25 8.45
CA VAL G 93 21.65 8.93 7.21
C VAL G 93 21.97 7.92 6.13
N MET G 94 22.67 6.84 6.48
CA MET G 94 22.97 5.83 5.48
C MET G 94 21.69 5.17 4.99
N ALA G 95 20.75 4.90 5.91
CA ALA G 95 19.46 4.34 5.53
C ALA G 95 18.69 5.26 4.59
N LEU G 96 18.70 6.57 4.88
CA LEU G 96 18.03 7.52 4.01
C LEU G 96 18.67 7.55 2.65
N GLN G 97 19.99 7.37 2.60
CA GLN G 97 20.67 7.39 1.32
C GLN G 97 20.25 6.19 0.48
N GLU G 98 20.20 5.01 1.12
CA GLU G 98 19.75 3.81 0.42
C GLU G 98 18.32 3.95 -0.10
N ALA G 99 17.42 4.47 0.73
CA ALA G 99 16.03 4.66 0.31
C ALA G 99 15.91 5.65 -0.83
N CYS G 100 16.62 6.78 -0.73
CA CYS G 100 16.56 7.81 -1.76
C CYS G 100 17.05 7.26 -3.08
N GLU G 101 18.19 6.57 -3.07
CA GLU G 101 18.74 6.08 -4.32
C GLU G 101 17.84 5.01 -4.93
N ALA G 102 17.25 4.15 -4.10
CA ALA G 102 16.34 3.14 -4.65
C ALA G 102 15.11 3.80 -5.28
N TYR G 103 14.66 4.91 -4.70
CA TYR G 103 13.51 5.62 -5.24
C TYR G 103 13.85 6.22 -6.59
N LEU G 104 14.99 6.91 -6.68
CA LEU G 104 15.41 7.52 -7.95
C LEU G 104 15.69 6.49 -9.03
N VAL G 105 16.39 5.40 -8.73
CA VAL G 105 16.62 4.38 -9.77
C VAL G 105 15.30 3.82 -10.29
N GLY G 106 14.36 3.49 -9.41
CA GLY G 106 13.09 2.97 -9.90
C GLY G 106 12.35 3.97 -10.76
N LEU G 107 12.39 5.24 -10.36
CA LEU G 107 11.73 6.28 -11.15
C LEU G 107 12.42 6.49 -12.49
N PHE G 108 13.75 6.41 -12.54
CA PHE G 108 14.44 6.57 -13.80
C PHE G 108 14.16 5.40 -14.74
N GLU G 109 13.95 4.21 -14.20
CA GLU G 109 13.57 3.07 -15.04
C GLU G 109 12.21 3.31 -15.69
N ASP G 110 11.24 3.76 -14.88
CA ASP G 110 9.91 4.02 -15.42
C ASP G 110 9.96 5.18 -16.41
N THR G 111 10.71 6.22 -16.08
CA THR G 111 10.92 7.35 -16.97
C THR G 111 11.50 6.89 -18.31
N ASN G 112 12.48 5.99 -18.28
CA ASN G 112 13.07 5.51 -19.52
C ASN G 112 12.06 4.77 -20.37
N LEU G 113 11.16 4.01 -19.75
CA LEU G 113 10.15 3.34 -20.54
C LEU G 113 9.20 4.34 -21.16
N CYS G 114 8.90 5.43 -20.44
CA CYS G 114 8.04 6.45 -21.01
C CYS G 114 8.72 7.17 -22.17
N ALA G 115 10.03 7.42 -22.05
CA ALA G 115 10.78 8.06 -23.11
C ALA G 115 10.80 7.19 -24.37
N ILE G 116 11.11 5.90 -24.20
CA ILE G 116 11.13 4.94 -25.31
C ILE G 116 9.76 4.85 -25.96
N HIS G 117 8.71 4.93 -25.15
CA HIS G 117 7.35 4.86 -25.67
C HIS G 117 7.08 5.98 -26.67
N ALA G 118 7.61 7.18 -26.41
CA ALA G 118 7.48 8.33 -27.30
C ALA G 118 8.48 8.33 -28.46
N LYS G 119 9.08 7.18 -28.78
CA LYS G 119 10.05 7.06 -29.86
C LYS G 119 11.27 7.95 -29.65
N ARG G 120 11.62 8.19 -28.39
CA ARG G 120 12.79 8.96 -28.01
C ARG G 120 13.73 8.09 -27.20
N VAL G 121 14.97 8.58 -27.06
CA VAL G 121 15.96 7.94 -26.20
C VAL G 121 16.42 8.88 -25.09
N THR G 122 15.94 10.11 -25.07
CA THR G 122 16.33 11.12 -24.10
C THR G 122 15.16 11.33 -23.16
N ILE G 123 15.41 11.19 -21.87
CA ILE G 123 14.37 11.43 -20.90
C ILE G 123 14.25 12.93 -20.67
N MET G 124 13.02 13.40 -20.49
CA MET G 124 12.69 14.80 -20.33
C MET G 124 11.77 14.96 -19.14
N PRO G 125 11.66 16.18 -18.59
CA PRO G 125 10.77 16.41 -17.44
C PRO G 125 9.36 15.88 -17.55
N LYS G 126 8.76 15.98 -18.72
CA LYS G 126 7.41 15.46 -18.91
C LYS G 126 7.32 13.96 -18.67
N ASP G 127 8.41 13.23 -18.91
CA ASP G 127 8.41 11.81 -18.61
C ASP G 127 8.37 11.55 -17.11
N ILE G 128 9.15 12.30 -16.34
CA ILE G 128 9.12 12.17 -14.89
C ILE G 128 7.74 12.54 -14.36
N GLN G 129 7.14 13.61 -14.86
CA GLN G 129 5.83 14.01 -14.35
C GLN G 129 4.80 12.93 -14.64
N LEU G 130 4.91 12.27 -15.79
CA LEU G 130 3.97 11.20 -16.09
C LEU G 130 4.18 10.01 -15.16
N ALA G 131 5.44 9.60 -14.99
CA ALA G 131 5.75 8.48 -14.09
C ALA G 131 5.25 8.74 -12.69
N ARG G 132 5.44 9.97 -12.21
CA ARG G 132 5.02 10.33 -10.87
C ARG G 132 3.51 10.37 -10.77
N ARG G 133 2.83 10.82 -11.81
CA ARG G 133 1.38 10.82 -11.82
C ARG G 133 0.81 9.40 -11.80
N ILE G 134 1.35 8.48 -12.61
CA ILE G 134 0.79 7.13 -12.60
C ILE G 134 1.10 6.35 -11.32
N ARG G 135 2.27 6.55 -10.72
CA ARG G 135 2.56 5.90 -9.45
C ARG G 135 1.75 6.49 -8.29
N GLY G 136 1.17 7.66 -8.50
CA GLY G 136 0.41 8.44 -7.56
C GLY G 136 1.20 9.39 -6.69
N GLU G 137 2.44 9.69 -7.06
CA GLU G 137 3.24 10.65 -6.32
C GLU G 137 2.98 12.05 -6.86
N ARG G 138 1.73 12.54 -6.73
CA ARG G 138 1.17 13.59 -7.59
C ARG G 138 1.98 14.87 -7.47
N ALA G 139 1.95 15.55 -6.30
CA ALA G 139 2.43 16.98 -6.08
C ALA G 139 3.52 17.55 -7.01
N LYS H 20 26.45 33.08 19.63
CA LYS H 20 26.61 32.05 18.61
C LYS H 20 27.40 30.87 19.16
N ARG H 21 26.67 29.82 19.57
CA ARG H 21 27.28 28.63 20.15
C ARG H 21 27.56 27.55 19.11
N HIS H 22 26.52 27.03 18.48
CA HIS H 22 26.64 25.88 17.58
C HIS H 22 25.50 25.96 16.56
N ARG H 23 25.40 24.92 15.73
CA ARG H 23 24.31 24.78 14.76
C ARG H 23 24.33 25.93 13.76
N LYS H 24 25.39 25.96 12.96
CA LYS H 24 25.46 26.89 11.84
C LYS H 24 24.26 26.71 10.93
N VAL H 25 23.68 27.82 10.48
CA VAL H 25 22.46 27.76 9.70
C VAL H 25 22.76 27.15 8.33
N LEU H 26 21.94 26.19 7.94
CA LEU H 26 22.16 25.43 6.72
C LEU H 26 21.35 26.06 5.59
N ARG H 27 22.04 26.39 4.50
CA ARG H 27 21.46 27.20 3.43
C ARG H 27 22.11 26.84 2.10
N ASP H 28 21.27 26.63 1.08
CA ASP H 28 21.71 26.24 -0.27
C ASP H 28 22.64 25.03 -0.23
N ASN H 29 22.15 23.95 0.37
CA ASN H 29 22.88 22.70 0.47
C ASN H 29 22.37 21.66 -0.52
N ILE H 30 21.23 21.91 -1.17
CA ILE H 30 20.68 21.03 -2.18
C ILE H 30 21.61 20.91 -3.37
N GLN H 31 22.46 21.92 -3.59
CA GLN H 31 23.44 21.91 -4.65
C GLN H 31 24.55 20.89 -4.42
N GLY H 32 24.65 20.32 -3.22
CA GLY H 32 25.63 19.26 -3.01
C GLY H 32 25.26 17.95 -3.66
N ILE H 33 24.03 17.82 -4.14
CA ILE H 33 23.58 16.69 -4.94
C ILE H 33 23.90 17.07 -6.38
N THR H 34 25.13 16.80 -6.78
CA THR H 34 25.67 17.32 -8.03
C THR H 34 25.08 16.63 -9.24
N LYS H 35 25.26 17.31 -10.37
CA LYS H 35 24.86 16.77 -11.68
C LYS H 35 25.41 15.38 -11.95
N PRO H 36 26.72 15.13 -11.83
CA PRO H 36 27.23 13.78 -12.09
C PRO H 36 26.69 12.69 -11.17
N ALA H 37 26.34 12.97 -9.92
CA ALA H 37 25.76 11.93 -9.08
C ALA H 37 24.38 11.54 -9.60
N ILE H 38 23.62 12.54 -10.03
CA ILE H 38 22.30 12.29 -10.58
C ILE H 38 22.44 11.51 -11.88
N ARG H 39 23.44 11.88 -12.68
CA ARG H 39 23.73 11.17 -13.91
C ARG H 39 24.04 9.71 -13.60
N ARG H 40 24.84 9.44 -12.58
CA ARG H 40 25.18 8.07 -12.21
C ARG H 40 23.94 7.29 -11.81
N LEU H 41 23.06 7.90 -11.01
CA LEU H 41 21.83 7.22 -10.62
C LEU H 41 20.98 6.91 -11.85
N ALA H 42 20.92 7.84 -12.80
CA ALA H 42 20.17 7.60 -14.01
C ALA H 42 20.79 6.46 -14.82
N ARG H 43 22.12 6.38 -14.80
CA ARG H 43 22.84 5.28 -15.44
C ARG H 43 22.48 3.94 -14.82
N ARG H 44 22.37 3.87 -13.49
CA ARG H 44 21.95 2.63 -12.88
C ARG H 44 20.53 2.25 -13.32
N GLY H 45 19.69 3.24 -13.57
CA GLY H 45 18.38 3.10 -14.15
C GLY H 45 18.33 2.80 -15.63
N GLY H 46 19.47 2.73 -16.30
CA GLY H 46 19.54 2.43 -17.72
C GLY H 46 19.37 3.61 -18.66
N VAL H 47 19.52 4.83 -18.18
CA VAL H 47 19.35 6.02 -18.98
C VAL H 47 20.64 6.33 -19.70
N LYS H 48 20.55 6.52 -21.02
CA LYS H 48 21.70 6.79 -21.86
C LYS H 48 21.96 8.27 -22.12
N ARG H 49 20.90 9.08 -22.25
CA ARG H 49 21.05 10.50 -22.57
C ARG H 49 20.07 11.26 -21.70
N ILE H 50 20.49 12.43 -21.18
CA ILE H 50 19.71 13.17 -20.18
C ILE H 50 19.64 14.63 -20.56
N SER H 51 18.42 15.15 -20.65
CA SER H 51 18.21 16.57 -20.89
C SER H 51 18.72 17.38 -19.72
N GLY H 52 19.16 18.59 -20.03
CA GLY H 52 19.68 19.49 -19.00
C GLY H 52 18.67 19.95 -17.97
N LEU H 53 17.38 19.97 -18.31
CA LEU H 53 16.36 20.40 -17.37
C LEU H 53 15.94 19.34 -16.37
N ILE H 54 16.35 18.08 -16.57
CA ILE H 54 15.99 16.99 -15.66
C ILE H 54 16.55 17.22 -14.27
N TYR H 55 17.76 17.76 -14.19
CA TYR H 55 18.50 17.82 -12.93
C TYR H 55 17.78 18.62 -11.85
N GLU H 56 17.29 19.81 -12.19
CA GLU H 56 16.59 20.59 -11.16
C GLU H 56 15.30 19.91 -10.75
N GLU H 57 14.60 19.30 -11.69
CA GLU H 57 13.36 18.64 -11.33
C GLU H 57 13.64 17.48 -10.40
N THR H 58 14.70 16.72 -10.69
CA THR H 58 15.04 15.58 -9.85
C THR H 58 15.35 16.02 -8.44
N ARG H 59 16.04 17.16 -8.30
CA ARG H 59 16.39 17.63 -6.96
C ARG H 59 15.14 17.92 -6.16
N GLY H 60 14.17 18.55 -6.82
CA GLY H 60 12.92 18.86 -6.17
C GLY H 60 12.18 17.60 -5.75
N VAL H 61 12.19 16.60 -6.63
CA VAL H 61 11.51 15.35 -6.34
C VAL H 61 12.10 14.71 -5.10
N LEU H 62 13.43 14.71 -5.00
CA LEU H 62 14.06 14.09 -3.85
C LEU H 62 13.69 14.82 -2.58
N LYS H 63 13.68 16.14 -2.63
CA LYS H 63 13.37 16.92 -1.44
C LYS H 63 11.97 16.60 -0.92
N VAL H 64 11.01 16.41 -1.85
CA VAL H 64 9.65 16.10 -1.43
C VAL H 64 9.64 14.77 -0.69
N PHE H 65 10.30 13.76 -1.24
CA PHE H 65 10.36 12.48 -0.57
C PHE H 65 10.97 12.59 0.83
N LEU H 66 12.13 13.24 0.90
CA LEU H 66 12.86 13.34 2.17
C LEU H 66 12.08 14.07 3.24
N GLU H 67 11.54 15.24 2.91
CA GLU H 67 10.74 16.00 3.86
C GLU H 67 9.68 15.13 4.51
N ASN H 68 8.94 14.37 3.70
CA ASN H 68 7.86 13.55 4.25
C ASN H 68 8.44 12.51 5.19
N VAL H 69 9.54 11.90 4.78
CA VAL H 69 10.18 10.89 5.61
C VAL H 69 10.69 11.51 6.90
N ILE H 70 11.42 12.62 6.79
CA ILE H 70 11.97 13.20 8.00
C ILE H 70 10.84 13.67 8.91
N ARG H 71 9.77 14.19 8.30
CA ARG H 71 8.63 14.64 9.08
C ARG H 71 8.12 13.52 9.97
N ASP H 72 7.97 12.34 9.39
CA ASP H 72 7.49 11.23 10.18
C ASP H 72 8.55 10.74 11.17
N ALA H 73 9.81 10.65 10.75
CA ALA H 73 10.88 10.19 11.63
C ALA H 73 11.00 11.04 12.89
N VAL H 74 10.96 12.36 12.73
CA VAL H 74 11.10 13.26 13.86
C VAL H 74 9.89 13.13 14.77
N THR H 75 8.73 12.84 14.18
CA THR H 75 7.56 12.63 15.00
C THR H 75 7.74 11.45 15.94
N TYR H 76 8.35 10.37 15.45
CA TYR H 76 8.61 9.23 16.32
C TYR H 76 9.59 9.62 17.40
N THR H 77 10.56 10.44 17.02
CA THR H 77 11.57 10.92 17.95
C THR H 77 10.89 11.69 19.05
N GLU H 78 10.00 12.61 18.69
CA GLU H 78 9.34 13.43 19.69
C GLU H 78 8.51 12.58 20.64
N HIS H 79 7.83 11.56 20.15
CA HIS H 79 7.01 10.74 21.05
C HIS H 79 7.83 10.05 22.11
N ALA H 80 9.03 9.60 21.79
CA ALA H 80 9.91 8.92 22.72
C ALA H 80 10.63 9.87 23.67
N LYS H 81 10.49 11.19 23.47
CA LYS H 81 11.16 12.20 24.28
C LYS H 81 12.67 12.07 24.12
N ARG H 82 13.07 11.83 22.88
CA ARG H 82 14.46 11.64 22.48
C ARG H 82 14.86 12.81 21.59
N LYS H 83 16.16 13.12 21.61
CA LYS H 83 16.74 14.13 20.73
C LYS H 83 17.60 13.54 19.62
N THR H 84 17.68 12.22 19.51
CA THR H 84 18.52 11.53 18.53
C THR H 84 17.65 10.65 17.66
N VAL H 85 17.69 10.89 16.36
CA VAL H 85 16.97 10.07 15.39
C VAL H 85 17.71 8.75 15.17
N THR H 86 17.01 7.65 15.42
CA THR H 86 17.60 6.34 15.26
C THR H 86 17.22 5.80 13.90
N ALA H 87 17.93 4.76 13.47
CA ALA H 87 17.62 4.05 12.24
C ALA H 87 16.23 3.43 12.23
N MET H 88 15.76 2.97 13.38
CA MET H 88 14.45 2.36 13.46
C MET H 88 13.34 3.35 13.15
N ASP H 89 13.50 4.60 13.58
CA ASP H 89 12.52 5.64 13.29
C ASP H 89 12.37 5.84 11.79
N VAL H 90 13.49 5.85 11.08
CA VAL H 90 13.49 6.01 9.64
C VAL H 90 12.81 4.81 8.98
N VAL H 91 13.18 3.61 9.40
CA VAL H 91 12.59 2.40 8.83
C VAL H 91 11.08 2.42 8.95
N TYR H 92 10.56 2.80 10.12
CA TYR H 92 9.13 2.87 10.31
C TYR H 92 8.48 3.96 9.45
N ALA H 93 9.13 5.13 9.38
CA ALA H 93 8.64 6.22 8.55
C ALA H 93 8.54 5.80 7.09
N LEU H 94 9.51 5.03 6.62
CA LEU H 94 9.53 4.54 5.26
C LEU H 94 8.45 3.50 5.08
N LYS H 95 8.26 2.63 6.07
CA LYS H 95 7.21 1.62 5.99
C LYS H 95 5.87 2.28 5.72
N ARG H 96 5.54 3.36 6.43
CA ARG H 96 4.24 3.95 6.18
C ARG H 96 4.14 4.58 4.79
N GLN H 97 5.28 4.88 4.16
CA GLN H 97 5.25 5.35 2.78
C GLN H 97 5.37 4.20 1.78
N GLY H 98 5.23 2.96 2.22
CA GLY H 98 5.31 1.81 1.33
C GLY H 98 6.66 1.59 0.69
N ARG H 99 7.76 2.00 1.33
CA ARG H 99 9.10 1.82 0.79
C ARG H 99 9.96 1.18 1.86
N THR H 100 9.46 0.05 2.39
CA THR H 100 10.13 -0.73 3.43
C THR H 100 11.60 -0.93 3.15
N LEU H 101 12.44 -0.66 4.15
CA LEU H 101 13.88 -0.84 4.02
C LEU H 101 14.33 -1.93 4.97
N TYR H 102 15.07 -2.88 4.41
CA TYR H 102 15.68 -3.99 5.12
C TYR H 102 17.16 -3.73 5.31
N GLY H 103 17.71 -4.20 6.42
CA GLY H 103 19.14 -4.15 6.66
C GLY H 103 19.62 -3.26 7.79
N PHE H 104 18.72 -2.51 8.40
CA PHE H 104 19.09 -1.55 9.44
C PHE H 104 18.36 -1.84 10.76
N GLY H 105 17.87 -3.05 10.93
CA GLY H 105 17.21 -3.47 12.15
C GLY H 105 15.71 -3.40 12.04
N GLY H 106 15.08 -4.54 12.36
CA GLY H 106 13.65 -4.81 12.05
C GLY H 106 13.39 -4.97 10.57
N GLY I 12 -26.62 6.07 52.30
CA GLY I 12 -25.53 5.44 51.59
C GLY I 12 -25.30 6.02 50.22
N LYS I 13 -25.91 5.38 49.21
CA LYS I 13 -25.75 5.80 47.83
C LYS I 13 -26.61 7.01 47.53
N ALA I 14 -26.12 7.86 46.63
CA ALA I 14 -26.90 8.94 46.05
C ALA I 14 -27.31 8.67 44.61
N ARG I 15 -26.38 8.16 43.80
CA ARG I 15 -26.64 7.83 42.40
C ARG I 15 -27.13 9.06 41.63
N ALA I 16 -26.21 10.03 41.51
CA ALA I 16 -26.48 11.22 40.75
C ALA I 16 -26.90 10.86 39.33
N LYS I 17 -27.75 11.71 38.74
CA LYS I 17 -28.35 11.39 37.46
C LYS I 17 -27.28 11.28 36.39
N ALA I 18 -27.48 10.34 35.45
CA ALA I 18 -26.42 9.94 34.55
C ALA I 18 -26.07 11.05 33.57
N LYS I 19 -24.77 11.31 33.47
CA LYS I 19 -24.17 12.14 32.44
C LYS I 19 -23.31 11.23 31.57
N THR I 20 -23.05 11.66 30.35
CA THR I 20 -22.19 10.91 29.44
C THR I 20 -20.96 11.69 29.06
N ARG I 21 -19.93 10.95 28.63
CA ARG I 21 -18.66 11.55 28.25
C ARG I 21 -18.77 12.41 26.99
N SER I 22 -19.66 12.06 26.07
CA SER I 22 -19.83 12.90 24.89
C SER I 22 -20.36 14.26 25.30
N SER I 23 -21.30 14.29 26.24
CA SER I 23 -21.83 15.55 26.74
C SER I 23 -20.78 16.35 27.49
N ARG I 24 -19.94 15.67 28.29
CA ARG I 24 -18.89 16.37 29.00
C ARG I 24 -17.85 16.97 28.08
N ALA I 25 -17.43 16.24 27.05
CA ALA I 25 -16.48 16.75 26.08
C ALA I 25 -17.10 17.73 25.09
N GLY I 26 -18.42 17.84 25.08
CA GLY I 26 -19.10 18.72 24.15
C GLY I 26 -19.14 18.17 22.75
N LEU I 27 -19.14 16.85 22.62
CA LEU I 27 -19.10 16.13 21.36
C LEU I 27 -20.40 15.37 21.14
N GLN I 28 -20.61 15.00 19.88
CA GLN I 28 -21.71 14.16 19.48
C GLN I 28 -21.34 12.69 19.33
N PHE I 29 -20.11 12.38 18.90
CA PHE I 29 -19.69 11.01 18.72
C PHE I 29 -19.53 10.27 20.06
N PRO I 30 -19.76 8.96 20.06
CA PRO I 30 -19.78 8.19 21.31
C PRO I 30 -18.42 7.78 21.86
N VAL I 31 -18.01 8.43 22.94
CA VAL I 31 -16.74 8.15 23.59
C VAL I 31 -16.72 6.73 24.15
N GLY I 32 -17.80 6.36 24.84
CA GLY I 32 -17.89 5.04 25.43
C GLY I 32 -17.72 3.91 24.44
N ARG I 33 -18.42 3.99 23.31
CA ARG I 33 -18.30 2.97 22.28
C ARG I 33 -16.89 2.91 21.73
N VAL I 34 -16.26 4.05 21.47
CA VAL I 34 -14.90 4.04 20.96
C VAL I 34 -13.98 3.36 21.96
N HIS I 35 -14.19 3.62 23.25
CA HIS I 35 -13.44 2.98 24.31
C HIS I 35 -13.62 1.46 24.27
N ARG I 36 -14.87 1.02 24.13
CA ARG I 36 -15.14 -0.40 24.05
C ARG I 36 -14.49 -1.02 22.82
N LEU I 37 -14.55 -0.33 21.68
CA LEU I 37 -13.94 -0.81 20.46
C LEU I 37 -12.43 -0.89 20.55
N LEU I 38 -11.80 0.04 21.26
CA LEU I 38 -10.36 -0.08 21.45
C LEU I 38 -10.03 -1.27 22.34
N ARG I 39 -10.75 -1.45 23.45
CA ARG I 39 -10.47 -2.59 24.31
C ARG I 39 -10.68 -3.89 23.54
N LYS I 40 -11.77 -3.97 22.78
CA LYS I 40 -12.13 -5.15 22.01
C LYS I 40 -11.57 -4.93 20.61
N GLY I 41 -10.44 -5.56 20.33
CA GLY I 41 -9.80 -5.44 19.05
C GLY I 41 -8.29 -5.57 19.10
N ASN I 42 -7.76 -5.90 20.27
CA ASN I 42 -6.34 -6.09 20.48
C ASN I 42 -5.45 -4.93 20.04
N TYR I 43 -5.78 -3.73 20.52
CA TYR I 43 -4.96 -2.55 20.21
C TYR I 43 -3.92 -2.32 21.29
N SER I 44 -4.29 -2.48 22.55
CA SER I 44 -3.38 -2.33 23.67
C SER I 44 -4.03 -3.09 24.83
N GLU I 45 -3.23 -3.42 25.84
CA GLU I 45 -3.83 -4.10 26.98
C GLU I 45 -4.78 -3.20 27.77
N ARG I 46 -4.41 -1.94 27.94
CA ARG I 46 -5.20 -0.98 28.71
C ARG I 46 -5.36 0.25 27.84
N VAL I 47 -6.41 1.03 28.09
CA VAL I 47 -6.70 2.24 27.32
C VAL I 47 -7.00 3.40 28.24
N GLY I 48 -6.27 4.49 28.05
CA GLY I 48 -6.46 5.69 28.82
C GLY I 48 -7.76 6.40 28.50
N ALA I 49 -8.19 7.21 29.48
CA ALA I 49 -9.43 7.96 29.41
C ALA I 49 -9.47 9.01 28.31
N GLY I 50 -8.35 9.66 28.01
CA GLY I 50 -8.34 10.68 26.98
C GLY I 50 -8.30 10.24 25.53
N ALA I 51 -7.77 9.06 25.25
CA ALA I 51 -7.64 8.59 23.87
C ALA I 51 -8.97 8.58 23.10
N PRO I 52 -10.04 7.97 23.60
CA PRO I 52 -11.30 7.96 22.84
C PRO I 52 -11.94 9.31 22.66
N VAL I 53 -11.70 10.27 23.55
CA VAL I 53 -12.25 11.60 23.38
C VAL I 53 -11.58 12.28 22.20
N TYR I 54 -10.26 12.22 22.16
CA TYR I 54 -9.48 12.82 21.09
C TYR I 54 -9.86 12.21 19.75
N LEU I 55 -9.91 10.88 19.70
CA LEU I 55 -10.26 10.19 18.47
C LEU I 55 -11.66 10.55 18.01
N ALA I 56 -12.63 10.57 18.93
CA ALA I 56 -14.00 10.93 18.56
C ALA I 56 -14.05 12.34 17.99
N ALA I 57 -13.27 13.24 18.57
CA ALA I 57 -13.23 14.62 18.10
C ALA I 57 -12.67 14.69 16.70
N VAL I 58 -11.64 13.89 16.42
CA VAL I 58 -11.03 13.87 15.09
C VAL I 58 -12.02 13.34 14.07
N LEU I 59 -12.72 12.27 14.42
CA LEU I 59 -13.72 11.71 13.52
C LEU I 59 -14.83 12.70 13.26
N GLU I 60 -15.20 13.49 14.26
CA GLU I 60 -16.26 14.48 14.09
C GLU I 60 -15.80 15.58 13.15
N TYR I 61 -14.58 16.05 13.32
CA TYR I 61 -14.06 17.08 12.44
C TYR I 61 -14.05 16.61 10.99
N LEU I 62 -13.54 15.39 10.76
CA LEU I 62 -13.47 14.87 9.40
C LEU I 62 -14.85 14.66 8.80
N THR I 63 -15.80 14.19 9.60
CA THR I 63 -17.17 14.02 9.12
C THR I 63 -17.77 15.37 8.74
N ALA I 64 -17.57 16.37 9.59
CA ALA I 64 -18.13 17.69 9.29
C ALA I 64 -17.54 18.26 8.01
N GLU I 65 -16.24 18.08 7.81
CA GLU I 65 -15.58 18.62 6.63
C GLU I 65 -16.13 17.98 5.37
N ILE I 66 -16.25 16.65 5.38
CA ILE I 66 -16.79 15.94 4.23
C ILE I 66 -18.24 16.33 3.97
N LEU I 67 -19.08 16.26 4.99
CA LEU I 67 -20.49 16.61 4.81
C LEU I 67 -20.66 18.04 4.34
N GLU I 68 -19.84 18.96 4.84
CA GLU I 68 -19.87 20.36 4.42
C GLU I 68 -19.62 20.50 2.92
N LEU I 69 -18.55 19.88 2.44
CA LEU I 69 -18.24 20.00 1.02
C LEU I 69 -19.27 19.29 0.16
N ALA I 70 -19.72 18.11 0.59
CA ALA I 70 -20.75 17.42 -0.20
C ALA I 70 -22.03 18.22 -0.22
N GLY I 71 -22.37 18.88 0.88
CA GLY I 71 -23.57 19.71 0.91
C GLY I 71 -23.46 20.89 -0.02
N ASN I 72 -22.25 21.44 -0.16
CA ASN I 72 -22.06 22.56 -1.09
C ASN I 72 -22.22 22.08 -2.52
N ALA I 73 -21.64 20.91 -2.82
CA ALA I 73 -21.80 20.34 -4.16
C ALA I 73 -23.26 20.03 -4.44
N ALA I 74 -23.98 19.56 -3.43
CA ALA I 74 -25.40 19.26 -3.57
C ALA I 74 -26.20 20.53 -3.87
N ARG I 75 -25.91 21.62 -3.18
CA ARG I 75 -26.63 22.86 -3.48
C ARG I 75 -26.30 23.36 -4.86
N ASP I 76 -25.06 23.21 -5.31
CA ASP I 76 -24.77 23.62 -6.67
C ASP I 76 -25.59 22.84 -7.69
N ASN I 77 -25.92 21.57 -7.42
CA ASN I 77 -26.74 20.76 -8.30
C ASN I 77 -28.22 20.89 -7.98
N LYS I 78 -28.56 21.79 -7.06
CA LYS I 78 -29.93 22.05 -6.63
C LYS I 78 -30.65 20.81 -6.09
N LYS I 79 -29.91 19.95 -5.42
CA LYS I 79 -30.47 18.75 -4.80
C LYS I 79 -30.38 18.98 -3.30
N THR I 80 -31.45 18.66 -2.59
CA THR I 80 -31.44 18.81 -1.13
C THR I 80 -30.92 17.58 -0.39
N ARG I 81 -30.81 16.43 -1.04
CA ARG I 81 -30.27 15.23 -0.42
C ARG I 81 -28.92 14.87 -1.05
N ILE I 82 -27.95 14.60 -0.19
CA ILE I 82 -26.61 14.13 -0.56
C ILE I 82 -26.62 12.69 -1.05
N ILE I 83 -25.97 12.48 -2.20
CA ILE I 83 -25.80 11.16 -2.78
C ILE I 83 -24.30 10.89 -2.87
N PRO I 84 -23.87 9.65 -3.10
CA PRO I 84 -22.43 9.35 -3.20
C PRO I 84 -21.64 10.20 -4.16
N ARG I 85 -22.26 10.60 -5.26
CA ARG I 85 -21.63 11.43 -6.27
C ARG I 85 -21.11 12.73 -5.67
N HIS I 86 -21.92 13.36 -4.82
CA HIS I 86 -21.51 14.63 -4.21
C HIS I 86 -20.33 14.45 -3.27
N LEU I 87 -20.24 13.29 -2.61
CA LEU I 87 -19.09 13.02 -1.75
C LEU I 87 -17.84 12.79 -2.57
N GLN I 88 -17.96 12.07 -3.68
CA GLN I 88 -16.80 11.87 -4.54
C GLN I 88 -16.30 13.21 -5.07
N LEU I 89 -17.22 14.04 -5.57
CA LEU I 89 -16.85 15.36 -6.08
C LEU I 89 -16.15 16.18 -5.00
N ALA I 90 -16.68 16.14 -3.78
CA ALA I 90 -16.08 16.86 -2.66
C ALA I 90 -14.66 16.38 -2.37
N ILE I 91 -14.47 15.07 -2.32
CA ILE I 91 -13.18 14.48 -1.97
C ILE I 91 -12.14 14.80 -3.04
N ARG I 92 -12.47 14.57 -4.30
CA ARG I 92 -11.49 14.79 -5.36
C ARG I 92 -11.15 16.26 -5.57
N ASN I 93 -12.04 17.17 -5.20
CA ASN I 93 -11.73 18.59 -5.32
C ASN I 93 -10.97 19.13 -4.12
N ASP I 94 -10.74 18.33 -3.08
CA ASP I 94 -9.97 18.73 -1.92
C ASP I 94 -8.65 17.96 -1.90
N GLU I 95 -7.56 18.70 -2.02
CA GLU I 95 -6.21 18.13 -2.13
C GLU I 95 -5.86 17.19 -0.97
N GLU I 96 -6.21 17.59 0.25
CA GLU I 96 -5.85 16.80 1.43
C GLU I 96 -6.71 15.54 1.57
N LEU I 97 -7.99 15.64 1.27
CA LEU I 97 -8.82 14.45 1.35
C LEU I 97 -8.44 13.48 0.25
N ASN I 98 -8.08 14.00 -0.91
CA ASN I 98 -7.65 13.16 -2.02
C ASN I 98 -6.37 12.43 -1.64
N LYS I 99 -5.44 13.10 -0.98
CA LYS I 99 -4.23 12.42 -0.52
C LYS I 99 -4.56 11.31 0.47
N LEU I 100 -5.31 11.63 1.52
CA LEU I 100 -5.69 10.63 2.50
C LEU I 100 -6.45 9.45 1.89
N LEU I 101 -7.35 9.72 0.95
CA LEU I 101 -8.19 8.70 0.32
C LEU I 101 -7.78 8.41 -1.11
N GLY I 102 -6.48 8.42 -1.37
CA GLY I 102 -5.95 8.22 -2.70
C GLY I 102 -6.20 6.85 -3.29
N ARG I 103 -6.40 5.84 -2.45
CA ARG I 103 -6.61 4.47 -2.90
C ARG I 103 -7.99 3.92 -2.50
N VAL I 104 -9.01 4.79 -2.43
CA VAL I 104 -10.35 4.38 -2.02
C VAL I 104 -11.32 4.58 -3.18
N THR I 105 -12.23 3.60 -3.36
CA THR I 105 -13.29 3.67 -4.37
C THR I 105 -14.62 3.93 -3.68
N ILE I 106 -15.29 5.01 -4.08
CA ILE I 106 -16.61 5.38 -3.59
C ILE I 106 -17.66 4.82 -4.52
N ALA I 107 -18.39 3.81 -4.05
CA ALA I 107 -19.44 3.20 -4.85
C ALA I 107 -20.48 4.21 -5.30
N GLN I 108 -20.87 4.10 -6.57
CA GLN I 108 -21.82 5.00 -7.23
C GLN I 108 -21.33 6.45 -7.19
N GLY I 109 -20.03 6.63 -7.11
CA GLY I 109 -19.43 7.96 -7.09
C GLY I 109 -19.09 8.56 -8.43
N GLY I 110 -18.74 7.70 -9.37
CA GLY I 110 -18.25 8.13 -10.65
C GLY I 110 -16.88 8.76 -10.56
N VAL I 111 -16.55 9.58 -11.56
CA VAL I 111 -15.28 10.28 -11.64
C VAL I 111 -15.53 11.75 -11.91
N LEU I 112 -14.50 12.56 -11.72
CA LEU I 112 -14.59 13.98 -12.01
C LEU I 112 -14.58 14.24 -13.51
N PRO I 113 -15.37 15.18 -14.01
CA PRO I 113 -15.25 15.57 -15.42
C PRO I 113 -13.88 16.14 -15.72
N ASN I 114 -13.21 15.60 -16.73
CA ASN I 114 -11.87 16.08 -17.08
C ASN I 114 -11.53 15.56 -18.47
N ILE I 115 -11.45 16.47 -19.44
CA ILE I 115 -11.08 16.14 -20.80
C ILE I 115 -9.75 16.81 -21.10
N GLN I 116 -8.80 16.05 -21.62
CA GLN I 116 -7.51 16.59 -22.02
C GLN I 116 -7.70 17.55 -23.20
N ALA I 117 -7.15 18.76 -23.07
CA ALA I 117 -7.26 19.81 -24.09
C ALA I 117 -7.02 19.31 -25.51
N VAL I 118 -6.05 18.41 -25.69
CA VAL I 118 -5.69 17.85 -27.00
C VAL I 118 -6.86 17.13 -27.67
N LEU I 119 -7.84 16.65 -26.90
CA LEU I 119 -8.98 15.90 -27.38
C LEU I 119 -10.10 16.79 -27.93
N LEU I 120 -10.05 18.08 -27.65
CA LEU I 120 -11.03 19.08 -28.07
C LEU I 120 -10.85 19.36 -29.56
N PRO I 121 -11.88 19.82 -30.27
CA PRO I 121 -11.72 20.10 -31.71
C PRO I 121 -10.75 21.23 -31.95
N LYS I 122 -10.30 21.38 -33.20
CA LYS I 122 -9.29 22.39 -33.52
C LYS I 122 -9.68 23.78 -33.03
N LYS I 123 -10.58 24.46 -33.76
CA LYS I 123 -11.41 25.58 -33.31
C LYS I 123 -12.11 26.09 -34.57
N THR I 124 -12.87 27.19 -34.46
CA THR I 124 -13.31 27.91 -35.65
C THR I 124 -12.14 28.42 -36.49
N GLU I 125 -10.92 28.46 -35.95
CA GLU I 125 -9.75 28.77 -36.77
C GLU I 125 -9.57 27.75 -37.88
N SER I 126 -10.06 26.53 -37.71
CA SER I 126 -10.12 25.57 -38.80
C SER I 126 -11.26 25.90 -39.75
N HIS I 127 -12.33 26.49 -39.21
CA HIS I 127 -13.44 26.97 -40.03
C HIS I 127 -13.26 28.46 -40.35
N HIS I 128 -12.01 28.89 -40.53
CA HIS I 128 -11.52 30.29 -40.52
C HIS I 128 -12.48 31.22 -41.26
N LYS I 129 -13.17 30.80 -42.31
CA LYS I 129 -14.11 31.66 -43.02
C LYS I 129 -15.21 32.17 -42.09
N GLY J 30 -34.23 -16.41 25.42
CA GLY J 30 -34.78 -16.83 24.15
C GLY J 30 -36.21 -16.37 23.95
N LYS J 31 -36.41 -15.41 23.03
CA LYS J 31 -37.73 -14.85 22.79
C LYS J 31 -38.40 -15.55 21.61
N LYS J 32 -39.71 -15.28 21.48
CA LYS J 32 -40.51 -15.97 20.47
C LYS J 32 -40.06 -15.62 19.05
N ARG J 33 -39.65 -14.38 18.84
CA ARG J 33 -39.17 -13.90 17.54
C ARG J 33 -37.71 -13.49 17.67
N LYS J 34 -36.81 -14.35 17.21
CA LYS J 34 -35.37 -14.11 17.28
C LYS J 34 -35.02 -13.00 16.31
N ARG J 35 -34.21 -12.04 16.77
CA ARG J 35 -33.74 -10.93 15.95
C ARG J 35 -32.46 -10.39 16.54
N SER J 36 -31.49 -10.12 15.67
CA SER J 36 -30.18 -9.66 16.12
C SER J 36 -30.03 -8.16 16.37
N ARG J 37 -28.79 -7.75 16.62
CA ARG J 37 -28.41 -6.37 16.86
C ARG J 37 -27.29 -6.02 15.90
N LYS J 38 -27.22 -4.75 15.50
CA LYS J 38 -26.15 -4.28 14.64
C LYS J 38 -25.98 -2.78 14.83
N GLU J 39 -24.83 -2.42 15.38
CA GLU J 39 -24.47 -1.04 15.67
C GLU J 39 -23.91 -0.31 14.46
N SER J 40 -24.15 1.00 14.43
CA SER J 40 -23.58 1.86 13.42
C SER J 40 -23.42 3.25 13.99
N TYR J 41 -22.66 4.09 13.28
CA TYR J 41 -22.42 5.48 13.61
C TYR J 41 -23.45 6.42 12.97
N SER J 42 -24.46 5.87 12.32
CA SER J 42 -25.48 6.63 11.58
C SER J 42 -26.09 7.81 12.34
N ILE J 43 -26.57 7.57 13.56
CA ILE J 43 -27.28 8.61 14.31
C ILE J 43 -26.36 9.79 14.64
N TYR J 44 -25.08 9.53 14.86
CA TYR J 44 -24.17 10.61 15.19
C TYR J 44 -23.83 11.42 13.95
N VAL J 45 -23.69 10.74 12.82
CA VAL J 45 -23.45 11.44 11.57
C VAL J 45 -24.63 12.34 11.26
N TYR J 46 -25.85 11.85 11.50
CA TYR J 46 -27.03 12.68 11.24
C TYR J 46 -27.09 13.88 12.16
N LYS J 47 -26.68 13.72 13.42
CA LYS J 47 -26.64 14.89 14.31
C LYS J 47 -25.63 15.91 13.82
N VAL J 48 -24.46 15.46 13.38
CA VAL J 48 -23.46 16.39 12.85
C VAL J 48 -23.96 17.07 11.59
N LEU J 49 -24.58 16.29 10.70
CA LEU J 49 -25.15 16.85 9.47
C LEU J 49 -26.17 17.95 9.78
N LYS J 50 -27.03 17.71 10.78
CA LYS J 50 -28.02 18.70 11.16
C LYS J 50 -27.36 19.92 11.77
N GLN J 51 -26.18 19.75 12.38
CA GLN J 51 -25.46 20.90 12.91
C GLN J 51 -24.84 21.74 11.80
N VAL J 52 -24.23 21.10 10.79
CA VAL J 52 -23.56 21.84 9.73
C VAL J 52 -24.53 22.34 8.66
N HIS J 53 -25.58 21.58 8.31
CA HIS J 53 -26.55 21.98 7.29
C HIS J 53 -27.95 21.59 7.76
N PRO J 54 -28.60 22.44 8.56
CA PRO J 54 -29.91 22.06 9.13
C PRO J 54 -30.94 21.63 8.10
N ASP J 55 -30.91 22.23 6.91
CA ASP J 55 -31.89 21.94 5.86
C ASP J 55 -31.27 21.03 4.81
N THR J 56 -30.89 19.83 5.24
CA THR J 56 -30.27 18.86 4.34
C THR J 56 -30.35 17.48 4.97
N GLY J 57 -30.66 16.51 4.12
CA GLY J 57 -30.71 15.12 4.51
C GLY J 57 -29.54 14.33 3.98
N ILE J 58 -29.65 13.00 4.03
CA ILE J 58 -28.60 12.14 3.54
C ILE J 58 -29.21 10.79 3.20
N SER J 59 -28.78 10.21 2.08
CA SER J 59 -29.29 8.92 1.67
C SER J 59 -28.67 7.83 2.52
N SER J 60 -29.28 6.64 2.47
CA SER J 60 -28.79 5.53 3.27
C SER J 60 -27.43 5.04 2.75
N LYS J 61 -27.25 5.03 1.43
CA LYS J 61 -25.97 4.67 0.85
C LYS J 61 -24.85 5.59 1.30
N ALA J 62 -25.10 6.89 1.32
CA ALA J 62 -24.10 7.84 1.77
C ALA J 62 -23.78 7.66 3.23
N MET J 63 -24.79 7.39 4.04
CA MET J 63 -24.55 7.18 5.45
C MET J 63 -23.68 5.95 5.64
N GLY J 64 -23.94 4.91 4.85
CA GLY J 64 -23.11 3.72 4.86
C GLY J 64 -21.68 3.99 4.46
N ILE J 65 -21.48 4.89 3.49
CA ILE J 65 -20.13 5.28 3.09
C ILE J 65 -19.42 6.03 4.20
N MET J 66 -20.12 6.91 4.90
CA MET J 66 -19.50 7.62 6.01
C MET J 66 -19.18 6.68 7.15
N ASN J 67 -20.04 5.70 7.41
CA ASN J 67 -19.75 4.73 8.47
C ASN J 67 -18.51 3.93 8.12
N SER J 68 -18.39 3.49 6.86
CA SER J 68 -17.19 2.80 6.40
C SER J 68 -15.96 3.67 6.58
N PHE J 69 -16.08 4.96 6.24
CA PHE J 69 -14.99 5.91 6.35
C PHE J 69 -14.51 5.98 7.81
N VAL J 70 -15.44 6.22 8.72
CA VAL J 70 -15.12 6.32 10.14
C VAL J 70 -14.42 5.05 10.62
N ASN J 71 -14.96 3.88 10.26
CA ASN J 71 -14.35 2.62 10.64
C ASN J 71 -12.92 2.51 10.11
N ASP J 72 -12.69 2.96 8.88
CA ASP J 72 -11.35 2.91 8.30
C ASP J 72 -10.38 3.78 9.10
N ILE J 73 -10.76 5.02 9.39
CA ILE J 73 -9.86 5.90 10.13
C ILE J 73 -9.63 5.38 11.54
N PHE J 74 -10.66 4.77 12.12
CA PHE J 74 -10.53 4.17 13.44
C PHE J 74 -9.44 3.11 13.42
N GLU J 75 -9.57 2.15 12.50
CA GLU J 75 -8.61 1.06 12.43
C GLU J 75 -7.20 1.58 12.16
N ARG J 76 -7.06 2.53 11.24
CA ARG J 76 -5.74 3.09 10.95
C ARG J 76 -5.10 3.72 12.17
N ILE J 77 -5.84 4.56 12.89
CA ILE J 77 -5.26 5.25 14.04
C ILE J 77 -4.96 4.30 15.17
N ALA J 78 -5.92 3.43 15.50
CA ALA J 78 -5.69 2.52 16.62
C ALA J 78 -4.52 1.58 16.33
N GLY J 79 -4.45 1.08 15.09
CA GLY J 79 -3.36 0.21 14.71
C GLY J 79 -2.00 0.89 14.78
N GLU J 80 -1.95 2.13 14.29
CA GLU J 80 -0.68 2.85 14.33
C GLU J 80 -0.28 3.18 15.76
N ALA J 81 -1.23 3.62 16.59
CA ALA J 81 -0.93 3.90 17.99
C ALA J 81 -0.42 2.67 18.70
N SER J 82 -1.03 1.51 18.41
CA SER J 82 -0.58 0.26 18.98
C SER J 82 0.86 -0.02 18.60
N ARG J 83 1.17 0.14 17.32
CA ARG J 83 2.54 -0.08 16.85
C ARG J 83 3.53 0.86 17.55
N LEU J 84 3.21 2.16 17.63
CA LEU J 84 4.08 3.10 18.33
C LEU J 84 4.31 2.71 19.78
N ALA J 85 3.24 2.36 20.49
CA ALA J 85 3.36 1.96 21.87
C ALA J 85 4.24 0.73 22.03
N HIS J 86 4.04 -0.27 21.19
CA HIS J 86 4.86 -1.46 21.25
C HIS J 86 6.33 -1.18 20.99
N TYR J 87 6.67 -0.34 20.00
CA TYR J 87 8.08 -0.06 19.76
C TYR J 87 8.77 0.58 20.96
N ASN J 88 8.05 1.38 21.74
CA ASN J 88 8.61 2.06 22.90
C ASN J 88 8.32 1.31 24.19
N LYS J 89 7.92 0.04 24.09
CA LYS J 89 7.66 -0.83 25.23
C LYS J 89 6.68 -0.23 26.24
N ARG J 90 5.63 0.38 25.74
CA ARG J 90 4.59 1.00 26.55
C ARG J 90 3.33 0.17 26.38
N SER J 91 2.69 -0.14 27.51
CA SER J 91 1.46 -0.91 27.51
C SER J 91 0.20 -0.06 27.49
N THR J 92 0.31 1.27 27.57
CA THR J 92 -0.85 2.15 27.59
C THR J 92 -0.90 2.99 26.34
N ILE J 93 -2.09 3.08 25.76
CA ILE J 93 -2.37 3.99 24.66
C ILE J 93 -3.02 5.22 25.29
N THR J 94 -2.36 6.37 25.17
CA THR J 94 -2.86 7.63 25.70
C THR J 94 -3.21 8.59 24.56
N SER J 95 -3.69 9.77 24.92
CA SER J 95 -3.98 10.81 23.94
C SER J 95 -2.74 11.24 23.17
N ARG J 96 -1.56 11.00 23.72
CA ARG J 96 -0.32 11.36 23.04
C ARG J 96 -0.11 10.50 21.80
N GLU J 97 -0.37 9.20 21.91
CA GLU J 97 -0.19 8.33 20.76
C GLU J 97 -1.22 8.65 19.70
N ILE J 98 -2.44 8.98 20.11
CA ILE J 98 -3.47 9.37 19.15
C ILE J 98 -3.02 10.61 18.40
N GLN J 99 -2.53 11.61 19.15
CA GLN J 99 -2.08 12.87 18.54
C GLN J 99 -0.99 12.61 17.52
N THR J 100 -0.01 11.81 17.91
CA THR J 100 1.08 11.47 17.01
C THR J 100 0.57 10.73 15.78
N ALA J 101 -0.32 9.76 15.97
CA ALA J 101 -0.91 9.04 14.86
C ALA J 101 -1.60 10.00 13.90
N VAL J 102 -2.32 10.96 14.44
CA VAL J 102 -3.00 11.95 13.61
C VAL J 102 -1.99 12.72 12.78
N ARG J 103 -0.90 13.15 13.40
CA ARG J 103 0.11 13.89 12.64
C ARG J 103 0.77 13.05 11.58
N LEU J 104 0.94 11.74 11.82
CA LEU J 104 1.53 10.90 10.79
C LEU J 104 0.57 10.61 9.64
N LEU J 105 -0.71 10.34 9.94
CA LEU J 105 -1.61 9.91 8.87
C LEU J 105 -2.26 11.07 8.14
N LEU J 106 -2.57 12.16 8.85
CA LEU J 106 -3.29 13.22 8.19
C LEU J 106 -2.34 14.30 7.69
N PRO J 107 -2.65 14.97 6.57
CA PRO J 107 -1.77 16.04 6.09
C PRO J 107 -2.06 17.42 6.69
N GLY J 108 -1.04 18.27 6.65
CA GLY J 108 -1.04 19.65 7.07
C GLY J 108 -2.09 20.32 7.97
N GLU J 109 -2.90 21.18 7.34
CA GLU J 109 -3.86 21.96 8.11
C GLU J 109 -4.98 21.09 8.66
N LEU J 110 -5.27 19.97 7.99
CA LEU J 110 -6.27 19.07 8.52
C LEU J 110 -5.79 18.50 9.83
N ALA J 111 -4.50 18.18 9.89
CA ALA J 111 -3.90 17.65 11.11
C ALA J 111 -3.91 18.68 12.21
N LYS J 112 -3.56 19.93 11.89
CA LYS J 112 -3.53 20.99 12.89
C LYS J 112 -4.92 21.24 13.49
N HIS J 113 -5.95 21.27 12.64
CA HIS J 113 -7.30 21.52 13.16
C HIS J 113 -7.84 20.34 13.94
N ALA J 114 -7.58 19.11 13.47
CA ALA J 114 -8.00 17.94 14.20
C ALA J 114 -7.34 17.87 15.56
N VAL J 115 -6.04 18.19 15.62
CA VAL J 115 -5.31 18.20 16.87
C VAL J 115 -5.90 19.24 17.82
N SER J 116 -6.23 20.43 17.31
CA SER J 116 -6.82 21.46 18.16
C SER J 116 -8.15 21.00 18.74
N GLU J 117 -8.98 20.33 17.93
CA GLU J 117 -10.26 19.86 18.44
C GLU J 117 -10.07 18.79 19.50
N GLY J 118 -9.15 17.87 19.25
CA GLY J 118 -8.88 16.83 20.24
C GLY J 118 -8.36 17.39 21.54
N THR J 119 -7.43 18.34 21.47
CA THR J 119 -6.89 18.94 22.68
C THR J 119 -7.99 19.67 23.45
N LYS J 120 -8.81 20.44 22.73
CA LYS J 120 -9.94 21.12 23.36
C LYS J 120 -10.86 20.13 24.06
N ALA J 121 -11.11 18.97 23.44
CA ALA J 121 -12.01 18.00 24.01
C ALA J 121 -11.44 17.37 25.27
N VAL J 122 -10.15 17.01 25.25
CA VAL J 122 -9.54 16.40 26.44
C VAL J 122 -9.50 17.42 27.58
N THR J 123 -9.24 18.68 27.26
CA THR J 123 -9.17 19.70 28.30
C THR J 123 -10.55 19.95 28.90
N LYS J 124 -11.59 19.92 28.07
CA LYS J 124 -12.95 20.11 28.60
C LYS J 124 -13.37 18.90 29.41
N TYR J 125 -12.98 17.70 28.98
CA TYR J 125 -13.32 16.48 29.71
C TYR J 125 -12.69 16.47 31.10
N THR J 126 -11.37 16.73 31.17
CA THR J 126 -10.68 16.70 32.44
C THR J 126 -11.23 17.70 33.45
N SER J 127 -11.72 18.84 32.98
CA SER J 127 -12.32 19.83 33.89
C SER J 127 -13.77 19.51 34.23
N ALA J 128 -14.49 18.89 33.30
CA ALA J 128 -15.95 18.75 33.41
C ALA J 128 -16.36 17.44 34.08
N LYS J 129 -15.49 16.93 34.96
CA LYS J 129 -15.87 15.86 35.95
C LYS J 129 -16.84 16.41 36.98
#